data_4CME
#
_entry.id   4CME
#
_cell.length_a   74.048
_cell.length_b   88.425
_cell.length_c   84.222
_cell.angle_alpha   90.00
_cell.angle_beta   115.68
_cell.angle_gamma   90.00
#
_symmetry.space_group_name_H-M   'P 1 21 1'
#
loop_
_entity.id
_entity.type
_entity.pdbx_description
1 polymer 'PTERIDINE REDUCTASE 1'
2 polymer 'PTERIDINE REDUCTASE 1'
3 non-polymer 'NADP NICOTINAMIDE-ADENINE-DINUCLEOTIDE PHOSPHATE'
4 non-polymer N4,N4-dimethyl-5,6-diphenyl-7H-pyrrolo[2,3-d]pyrimidine-2,4-diamine
5 water water
#
loop_
_entity_poly.entity_id
_entity_poly.type
_entity_poly.pdbx_seq_one_letter_code
_entity_poly.pdbx_strand_id
1 'polypeptide(L)'
;MGSSHHHHHHSSGLVPRGSHMEAPAAVVTGAAKRIGRAIAVKLHQTGYRVVIHYHNSAEAAVSLADELNKERSNTAVVCQ
ADLTNSNVLPASCEEIINSCFRAFGRCDVLVNNASAFYPTPLVQGDHEDNSNGKTVETQVAELIGTNAIAPFLLTMSFAQ
RQKGTNPNCTSSNLSIVNLCDAMVDQPCMAFSLYNMGKHALVGLTQSAALELAPYGIRVNGVAPGVSLLPVAMGEEEKDK
WRRKVPLGRREASAEQIADAVIFLVSGSAQYITGSIIKVDGGLSLVHA
;
A,B
2 'polypeptide(L)'
;MGSSHHHHHHSSGLVPRGSHMEAPAAVVTGAAKRIGRAIAVKLHQTGYRVVIHYHNSAEAAVSLADELNKERSNTAVVCQ
ADLTNSNVLPASCEEIINSCFRAFGRCDVLVNNASAFYPTPLVQGDHEDNSNGKTVETQVAELIGTNAIAPFLLTMSFAQ
RQKGTNPNCTSSNLSIVNLCDAMVDQP(CSX)MAFSLYNMGKHALVGLTQSAALELAPYGIRVNGVAPGVSLLPVAMGEE
EKDKWRRKVPLGRREASAEQIADAVIFLVSGSAQYITGSIIKVDGGLSLVHA
;
C,D
#
loop_
_chem_comp.id
_chem_comp.type
_chem_comp.name
_chem_comp.formula
KTZ non-polymer N4,N4-dimethyl-5,6-diphenyl-7H-pyrrolo[2,3-d]pyrimidine-2,4-diamine 'C20 H19 N5'
NAP non-polymer 'NADP NICOTINAMIDE-ADENINE-DINUCLEOTIDE PHOSPHATE' 'C21 H28 N7 O17 P3'
#
# COMPACT_ATOMS: atom_id res chain seq x y z
N GLU A 22 -26.39 -31.61 0.92
CA GLU A 22 -25.55 -31.67 2.15
C GLU A 22 -24.90 -30.31 2.56
N ALA A 23 -24.82 -30.08 3.85
CA ALA A 23 -24.38 -28.82 4.38
C ALA A 23 -22.83 -28.70 4.32
N PRO A 24 -22.31 -27.54 3.94
CA PRO A 24 -20.86 -27.37 3.94
C PRO A 24 -20.33 -27.28 5.37
N ALA A 25 -19.01 -27.42 5.52
CA ALA A 25 -18.38 -27.44 6.81
C ALA A 25 -17.23 -26.43 6.84
N ALA A 26 -17.02 -25.88 8.02
CA ALA A 26 -16.00 -24.86 8.25
C ALA A 26 -15.24 -25.15 9.53
N VAL A 27 -13.96 -24.81 9.47
CA VAL A 27 -13.14 -24.78 10.62
C VAL A 27 -12.92 -23.33 11.00
N VAL A 28 -13.15 -23.01 12.27
CA VAL A 28 -12.83 -21.72 12.80
C VAL A 28 -11.86 -21.87 13.98
N THR A 29 -10.66 -21.30 13.84
CA THR A 29 -9.71 -21.36 14.94
C THR A 29 -9.99 -20.28 15.99
N GLY A 30 -9.68 -20.56 17.24
CA GLY A 30 -9.94 -19.68 18.38
C GLY A 30 -11.40 -19.27 18.47
N ALA A 31 -12.30 -20.25 18.28
CA ALA A 31 -13.72 -20.00 18.11
C ALA A 31 -14.54 -20.04 19.39
N ALA A 32 -13.92 -20.21 20.57
CA ALA A 32 -14.69 -20.44 21.82
C ALA A 32 -15.28 -19.13 22.31
N LYS A 33 -14.61 -18.03 21.97
CA LYS A 33 -15.08 -16.68 22.43
C LYS A 33 -14.85 -15.52 21.48
N ARG A 34 -15.43 -14.37 21.83
CA ARG A 34 -15.16 -13.10 21.18
C ARG A 34 -15.45 -13.21 19.69
N ILE A 35 -14.52 -12.78 18.85
CA ILE A 35 -14.79 -12.67 17.43
C ILE A 35 -14.93 -14.08 16.78
N GLY A 36 -14.05 -15.00 17.12
CA GLY A 36 -14.13 -16.34 16.56
C GLY A 36 -15.45 -17.04 16.85
N ARG A 37 -15.95 -16.86 18.07
CA ARG A 37 -17.28 -17.34 18.39
C ARG A 37 -18.39 -16.75 17.52
N ALA A 38 -18.39 -15.44 17.37
CA ALA A 38 -19.36 -14.78 16.50
C ALA A 38 -19.31 -15.27 15.07
N ILE A 39 -18.10 -15.47 14.55
CA ILE A 39 -17.90 -16.04 13.21
C ILE A 39 -18.48 -17.47 13.13
N ALA A 40 -18.20 -18.31 14.13
CA ALA A 40 -18.73 -19.69 14.13
C ALA A 40 -20.27 -19.69 14.16
N VAL A 41 -20.83 -18.85 15.00
CA VAL A 41 -22.27 -18.76 15.14
C VAL A 41 -22.88 -18.28 13.86
N LYS A 42 -22.29 -17.24 13.29
CA LYS A 42 -22.86 -16.74 12.05
C LYS A 42 -22.72 -17.72 10.88
N LEU A 43 -21.61 -18.43 10.76
CA LEU A 43 -21.51 -19.50 9.75
C LEU A 43 -22.55 -20.60 10.00
N HIS A 44 -22.66 -20.99 11.26
CA HIS A 44 -23.65 -22.02 11.63
C HIS A 44 -25.07 -21.55 11.26
N GLN A 45 -25.36 -20.28 11.52
CA GLN A 45 -26.67 -19.69 11.14
C GLN A 45 -26.91 -19.69 9.66
N THR A 46 -25.82 -19.62 8.89
CA THR A 46 -25.91 -19.62 7.44
C THR A 46 -26.05 -21.00 6.87
N GLY A 47 -25.91 -22.06 7.69
CA GLY A 47 -26.08 -23.43 7.21
C GLY A 47 -24.86 -24.32 7.31
N TYR A 48 -23.76 -23.77 7.84
CA TYR A 48 -22.53 -24.53 7.95
C TYR A 48 -22.48 -25.37 9.20
N ARG A 49 -21.87 -26.55 9.06
CA ARG A 49 -21.43 -27.32 10.21
C ARG A 49 -20.04 -26.79 10.53
N VAL A 50 -19.70 -26.73 11.81
CA VAL A 50 -18.52 -26.08 12.25
C VAL A 50 -17.65 -26.92 13.18
N VAL A 51 -16.34 -26.82 12.97
CA VAL A 51 -15.38 -27.28 13.91
C VAL A 51 -14.94 -26.06 14.71
N ILE A 52 -15.12 -26.16 16.02
CA ILE A 52 -14.78 -25.13 17.00
C ILE A 52 -13.41 -25.48 17.58
N HIS A 53 -12.36 -24.85 17.04
CA HIS A 53 -11.02 -25.04 17.58
C HIS A 53 -10.84 -24.13 18.77
N TYR A 54 -10.10 -24.57 19.77
CA TYR A 54 -9.82 -23.74 20.94
C TYR A 54 -8.50 -24.18 21.54
N HIS A 55 -7.94 -23.38 22.44
CA HIS A 55 -6.71 -23.70 23.13
C HIS A 55 -6.97 -23.94 24.62
N ASN A 56 -7.25 -22.90 25.38
CA ASN A 56 -7.51 -23.02 26.84
C ASN A 56 -8.98 -22.89 27.22
N SER A 57 -9.82 -22.33 26.36
CA SER A 57 -11.22 -22.04 26.75
C SER A 57 -12.11 -23.26 26.47
N ALA A 58 -11.86 -24.35 27.21
CA ALA A 58 -12.54 -25.63 26.93
C ALA A 58 -14.02 -25.56 27.29
N GLU A 59 -14.30 -24.99 28.44
CA GLU A 59 -15.68 -24.85 28.90
C GLU A 59 -16.55 -24.03 27.91
N ALA A 60 -16.02 -22.90 27.45
CA ALA A 60 -16.76 -22.10 26.50
C ALA A 60 -16.90 -22.80 25.15
N ALA A 61 -15.88 -23.52 24.70
CA ALA A 61 -15.94 -24.23 23.42
C ALA A 61 -17.03 -25.28 23.41
N VAL A 62 -17.05 -26.03 24.49
CA VAL A 62 -17.99 -27.12 24.66
C VAL A 62 -19.39 -26.57 24.80
N SER A 63 -19.51 -25.48 25.53
CA SER A 63 -20.80 -24.85 25.70
C SER A 63 -21.38 -24.34 24.37
N LEU A 64 -20.52 -23.78 23.53
CA LEU A 64 -20.91 -23.37 22.20
C LEU A 64 -21.34 -24.55 21.34
N ALA A 65 -20.55 -25.63 21.31
CA ALA A 65 -20.91 -26.81 20.54
C ALA A 65 -22.31 -27.34 20.95
N ASP A 66 -22.60 -27.32 22.24
CA ASP A 66 -23.87 -27.75 22.80
C ASP A 66 -24.98 -26.87 22.26
N GLU A 67 -24.79 -25.56 22.30
CA GLU A 67 -25.80 -24.60 21.84
CA GLU A 67 -25.81 -24.62 21.83
C GLU A 67 -26.10 -24.84 20.36
N LEU A 68 -25.06 -24.94 19.56
CA LEU A 68 -25.22 -25.10 18.12
C LEU A 68 -25.88 -26.43 17.75
N ASN A 69 -25.46 -27.50 18.43
CA ASN A 69 -26.05 -28.83 18.21
C ASN A 69 -27.52 -28.94 18.66
N LYS A 70 -27.84 -28.28 19.77
CA LYS A 70 -29.24 -28.12 20.23
C LYS A 70 -30.05 -27.41 19.14
N GLU A 71 -29.40 -26.53 18.39
CA GLU A 71 -30.07 -25.85 17.31
C GLU A 71 -30.26 -26.74 16.06
N ARG A 72 -29.23 -27.48 15.63
CA ARG A 72 -29.35 -28.50 14.60
C ARG A 72 -28.41 -29.62 14.96
N SER A 73 -28.95 -30.84 15.03
CA SER A 73 -28.19 -32.01 15.41
C SER A 73 -26.97 -32.28 14.54
N ASN A 74 -25.84 -32.60 15.18
CA ASN A 74 -24.63 -33.04 14.52
C ASN A 74 -24.12 -31.94 13.61
N THR A 75 -24.11 -30.71 14.10
CA THR A 75 -23.52 -29.64 13.25
C THR A 75 -22.33 -28.94 13.91
N ALA A 76 -21.86 -29.42 15.04
CA ALA A 76 -20.73 -28.77 15.72
C ALA A 76 -19.91 -29.79 16.44
N VAL A 77 -18.58 -29.68 16.31
CA VAL A 77 -17.66 -30.42 17.16
C VAL A 77 -16.57 -29.48 17.68
N VAL A 78 -15.77 -29.97 18.61
CA VAL A 78 -14.67 -29.22 19.21
C VAL A 78 -13.35 -29.88 18.78
N CYS A 79 -12.30 -29.06 18.66
CA CYS A 79 -10.93 -29.58 18.50
C CYS A 79 -9.90 -28.70 19.20
N GLN A 80 -9.25 -29.24 20.22
CA GLN A 80 -8.28 -28.51 21.00
C GLN A 80 -6.90 -28.60 20.38
N ALA A 81 -6.20 -27.47 20.34
CA ALA A 81 -4.79 -27.44 19.91
C ALA A 81 -4.07 -26.15 20.28
N ASP A 82 -2.84 -26.29 20.73
CA ASP A 82 -1.95 -25.15 20.85
C ASP A 82 -1.37 -24.86 19.45
N LEU A 83 -1.44 -23.61 19.03
CA LEU A 83 -0.97 -23.18 17.72
C LEU A 83 0.32 -22.39 17.81
N THR A 84 1.00 -22.47 18.96
CA THR A 84 2.38 -22.04 19.09
C THR A 84 3.26 -22.76 18.08
N ASN A 85 4.27 -22.08 17.55
CA ASN A 85 5.16 -22.72 16.62
C ASN A 85 6.03 -23.77 17.37
N SER A 86 6.20 -24.94 16.78
CA SER A 86 7.10 -25.97 17.30
C SER A 86 7.23 -27.04 16.23
N ASN A 87 8.02 -28.05 16.54
CA ASN A 87 8.18 -29.21 15.66
C ASN A 87 6.90 -30.05 15.52
N VAL A 88 5.99 -29.96 16.47
CA VAL A 88 4.70 -30.69 16.32
C VAL A 88 3.55 -29.86 15.71
N LEU A 89 3.77 -28.58 15.39
CA LEU A 89 2.66 -27.76 14.85
C LEU A 89 2.10 -28.30 13.53
N PRO A 90 2.95 -28.74 12.59
CA PRO A 90 2.36 -29.24 11.36
C PRO A 90 1.34 -30.36 11.63
N ALA A 91 1.67 -31.27 12.52
CA ALA A 91 0.74 -32.35 12.83
C ALA A 91 -0.54 -31.85 13.51
N SER A 92 -0.38 -30.93 14.46
CA SER A 92 -1.54 -30.31 15.07
C SER A 92 -2.44 -29.67 14.02
N CYS A 93 -1.86 -29.00 13.02
CA CYS A 93 -2.70 -28.34 12.03
C CYS A 93 -3.39 -29.37 11.11
N GLU A 94 -2.66 -30.39 10.71
CA GLU A 94 -3.28 -31.49 9.99
C GLU A 94 -4.44 -32.13 10.76
N GLU A 95 -4.30 -32.28 12.07
CA GLU A 95 -5.31 -32.86 12.97
C GLU A 95 -6.58 -31.99 12.99
N ILE A 96 -6.40 -30.68 13.07
CA ILE A 96 -7.55 -29.77 13.08
C ILE A 96 -8.36 -29.89 11.79
N ILE A 97 -7.67 -29.93 10.67
CA ILE A 97 -8.36 -30.11 9.42
C ILE A 97 -9.02 -31.51 9.38
N ASN A 98 -8.27 -32.51 9.84
CA ASN A 98 -8.77 -33.90 9.82
C ASN A 98 -10.05 -34.01 10.64
N SER A 99 -10.12 -33.24 11.74
CA SER A 99 -11.30 -33.18 12.57
C SER A 99 -12.56 -32.89 11.82
N CYS A 100 -12.46 -31.97 10.87
CA CYS A 100 -13.60 -31.57 10.08
C CYS A 100 -14.02 -32.69 9.12
N PHE A 101 -13.05 -33.30 8.48
CA PHE A 101 -13.32 -34.41 7.57
C PHE A 101 -13.88 -35.65 8.32
N ARG A 102 -13.34 -35.93 9.51
CA ARG A 102 -13.83 -37.05 10.32
C ARG A 102 -15.29 -36.87 10.76
N ALA A 103 -15.67 -35.65 11.19
CA ALA A 103 -17.03 -35.35 11.61
C ALA A 103 -17.98 -35.22 10.47
N PHE A 104 -17.55 -34.49 9.44
CA PHE A 104 -18.49 -33.97 8.46
C PHE A 104 -18.27 -34.44 7.06
N GLY A 105 -17.15 -35.11 6.80
CA GLY A 105 -16.87 -35.67 5.50
C GLY A 105 -16.42 -34.67 4.45
N ARG A 106 -16.14 -33.43 4.87
CA ARG A 106 -15.76 -32.38 3.94
C ARG A 106 -15.25 -31.19 4.80
N CYS A 107 -14.52 -30.30 4.13
CA CYS A 107 -14.04 -29.05 4.75
C CYS A 107 -14.05 -27.97 3.67
N ASP A 108 -15.04 -27.08 3.73
CA ASP A 108 -15.24 -26.06 2.67
C ASP A 108 -14.59 -24.74 2.99
N VAL A 109 -14.54 -24.37 4.28
CA VAL A 109 -14.11 -23.05 4.69
C VAL A 109 -13.13 -23.21 5.85
N LEU A 110 -12.08 -22.40 5.82
CA LEU A 110 -11.17 -22.28 6.96
C LEU A 110 -11.08 -20.82 7.38
N VAL A 111 -11.28 -20.53 8.66
CA VAL A 111 -11.15 -19.17 9.16
C VAL A 111 -10.02 -19.16 10.16
N ASN A 112 -8.94 -18.43 9.83
CA ASN A 112 -7.77 -18.35 10.68
C ASN A 112 -7.94 -17.13 11.60
N ASN A 113 -8.55 -17.39 12.75
CA ASN A 113 -8.90 -16.34 13.70
C ASN A 113 -8.02 -16.36 14.97
N ALA A 114 -7.60 -17.55 15.41
CA ALA A 114 -6.79 -17.65 16.65
C ALA A 114 -5.54 -16.80 16.59
N SER A 115 -5.18 -16.22 17.72
CA SER A 115 -4.13 -15.26 17.75
C SER A 115 -3.69 -14.94 19.18
N ALA A 116 -2.38 -14.99 19.43
CA ALA A 116 -1.81 -14.44 20.65
C ALA A 116 -1.49 -12.98 20.39
N PHE A 117 -1.58 -12.15 21.42
CA PHE A 117 -1.41 -10.72 21.29
C PHE A 117 -0.94 -10.20 22.65
N TYR A 118 0.29 -9.70 22.67
CA TYR A 118 0.86 -9.04 23.85
C TYR A 118 2.15 -8.31 23.43
N PRO A 119 2.61 -7.33 24.24
CA PRO A 119 3.82 -6.63 23.87
C PRO A 119 5.07 -7.45 23.96
N THR A 120 6.04 -7.13 23.09
CA THR A 120 7.34 -7.75 23.09
C THR A 120 8.36 -6.64 22.85
N PRO A 121 8.61 -5.82 23.86
CA PRO A 121 9.49 -4.67 23.75
C PRO A 121 10.85 -5.04 23.21
N LEU A 122 11.38 -4.20 22.34
CA LEU A 122 12.71 -4.44 21.77
C LEU A 122 13.82 -4.14 22.79
N VAL A 123 13.57 -3.22 23.72
CA VAL A 123 14.57 -2.82 24.73
C VAL A 123 14.12 -3.18 26.14
N GLY A 133 8.41 -14.25 33.55
CA GLY A 133 7.80 -14.03 32.24
C GLY A 133 8.50 -14.82 31.15
N LYS A 134 7.87 -14.85 29.99
CA LYS A 134 8.25 -15.72 28.88
C LYS A 134 9.58 -15.35 28.30
N THR A 135 10.35 -16.35 27.90
CA THR A 135 11.56 -16.12 27.14
C THR A 135 11.23 -15.58 25.75
N VAL A 136 12.18 -14.88 25.16
CA VAL A 136 11.93 -14.30 23.86
C VAL A 136 11.62 -15.40 22.84
N GLU A 137 12.26 -16.55 22.98
CA GLU A 137 12.01 -17.61 21.98
C GLU A 137 10.57 -18.14 22.05
N THR A 138 10.02 -18.14 23.24
CA THR A 138 8.64 -18.48 23.48
C THR A 138 7.68 -17.40 22.93
N GLN A 139 8.06 -16.15 23.06
CA GLN A 139 7.31 -15.06 22.47
C GLN A 139 7.29 -15.15 20.94
N VAL A 140 8.44 -15.43 20.34
CA VAL A 140 8.47 -15.65 18.93
C VAL A 140 7.49 -16.81 18.58
N ALA A 141 7.65 -17.95 19.26
CA ALA A 141 6.86 -19.14 18.93
C ALA A 141 5.36 -18.87 18.99
N GLU A 142 4.92 -18.17 20.03
CA GLU A 142 3.50 -17.93 20.21
C GLU A 142 2.94 -16.90 19.23
N LEU A 143 3.62 -15.76 19.10
CA LEU A 143 3.11 -14.67 18.29
C LEU A 143 3.26 -14.99 16.82
N ILE A 144 4.40 -15.51 16.41
CA ILE A 144 4.60 -15.86 15.00
C ILE A 144 3.86 -17.13 14.66
N GLY A 145 3.80 -18.07 15.58
CA GLY A 145 3.03 -19.29 15.35
C GLY A 145 1.56 -19.07 15.13
N THR A 146 0.90 -18.42 16.09
CA THR A 146 -0.53 -18.29 16.01
C THR A 146 -0.94 -17.43 14.84
N ASN A 147 -0.25 -16.32 14.67
CA ASN A 147 -0.67 -15.30 13.69
C ASN A 147 -0.28 -15.59 12.23
N ALA A 148 0.65 -16.52 12.03
CA ALA A 148 1.22 -16.74 10.71
C ALA A 148 1.62 -18.17 10.35
N ILE A 149 2.42 -18.86 11.15
CA ILE A 149 2.84 -20.24 10.76
C ILE A 149 1.66 -21.18 10.77
N ALA A 150 0.85 -21.11 11.81
CA ALA A 150 -0.28 -22.00 11.89
C ALA A 150 -1.23 -21.75 10.76
N PRO A 151 -1.52 -20.49 10.45
CA PRO A 151 -2.33 -20.25 9.29
C PRO A 151 -1.79 -20.86 8.01
N PHE A 152 -0.47 -20.80 7.84
CA PHE A 152 0.17 -21.38 6.66
C PHE A 152 -0.02 -22.92 6.61
N LEU A 153 0.22 -23.58 7.75
CA LEU A 153 0.14 -25.05 7.90
C LEU A 153 -1.28 -25.51 7.74
N LEU A 154 -2.20 -24.78 8.36
CA LEU A 154 -3.62 -25.03 8.16
C LEU A 154 -4.06 -24.90 6.70
N THR A 155 -3.51 -23.92 6.01
CA THR A 155 -3.84 -23.65 4.63
C THR A 155 -3.33 -24.82 3.79
N MET A 156 -2.09 -25.19 4.04
CA MET A 156 -1.50 -26.38 3.41
C MET A 156 -2.36 -27.64 3.57
N SER A 157 -2.76 -27.95 4.80
CA SER A 157 -3.55 -29.17 5.07
C SER A 157 -4.92 -29.12 4.42
N PHE A 158 -5.56 -27.96 4.53
CA PHE A 158 -6.82 -27.69 3.84
C PHE A 158 -6.70 -27.90 2.34
N ALA A 159 -5.74 -27.26 1.71
CA ALA A 159 -5.58 -27.44 0.25
C ALA A 159 -5.27 -28.89 -0.11
N GLN A 160 -4.41 -29.54 0.66
CA GLN A 160 -3.95 -30.89 0.31
C GLN A 160 -5.14 -31.85 0.35
N ARG A 161 -6.07 -31.64 1.29
CA ARG A 161 -7.22 -32.52 1.47
C ARG A 161 -8.29 -32.37 0.39
N GLN A 162 -8.25 -31.29 -0.37
CA GLN A 162 -9.07 -31.16 -1.56
C GLN A 162 -8.13 -31.62 -2.67
N SER A 172 -18.66 -26.36 -6.03
CA SER A 172 -18.24 -26.01 -4.67
C SER A 172 -17.75 -24.55 -4.52
N ASN A 173 -17.66 -24.11 -3.27
CA ASN A 173 -17.30 -22.75 -2.94
C ASN A 173 -16.32 -22.76 -1.77
N LEU A 174 -15.10 -23.13 -2.12
CA LEU A 174 -14.05 -23.33 -1.13
C LEU A 174 -13.34 -22.01 -0.89
N SER A 175 -13.14 -21.65 0.35
CA SER A 175 -12.35 -20.47 0.67
C SER A 175 -11.76 -20.44 2.05
N ILE A 176 -10.80 -19.52 2.21
CA ILE A 176 -10.06 -19.34 3.43
C ILE A 176 -10.18 -17.86 3.77
N VAL A 177 -10.43 -17.55 5.03
CA VAL A 177 -10.46 -16.14 5.51
C VAL A 177 -9.52 -15.96 6.65
N ASN A 178 -8.59 -15.00 6.49
CA ASN A 178 -7.63 -14.74 7.50
C ASN A 178 -7.96 -13.44 8.26
N LEU A 179 -7.89 -13.49 9.60
CA LEU A 179 -8.16 -12.32 10.40
C LEU A 179 -6.90 -11.48 10.54
N CYS A 180 -6.90 -10.35 9.84
CA CYS A 180 -5.74 -9.48 9.69
C CYS A 180 -5.94 -8.24 10.60
N ASP A 181 -5.10 -7.22 10.42
CA ASP A 181 -5.14 -5.96 11.22
CA ASP A 181 -5.15 -6.03 11.20
C ASP A 181 -5.27 -4.82 10.28
N ALA A 182 -6.32 -4.01 10.46
CA ALA A 182 -6.46 -2.81 9.65
C ALA A 182 -5.32 -1.81 9.87
N MET A 183 -4.72 -1.80 11.04
N MET A 183 -4.73 -1.84 11.06
CA MET A 183 -3.70 -0.82 11.36
CA MET A 183 -3.68 -0.91 11.49
C MET A 183 -2.29 -1.45 11.27
C MET A 183 -2.27 -1.45 11.27
N VAL A 184 -2.14 -2.42 10.36
CA VAL A 184 -0.90 -3.15 10.25
C VAL A 184 0.29 -2.29 9.87
N ASP A 185 0.03 -1.20 9.14
CA ASP A 185 1.08 -0.25 8.78
C ASP A 185 1.24 0.93 9.74
N GLN A 186 0.48 0.93 10.83
CA GLN A 186 0.65 1.90 11.92
C GLN A 186 0.67 1.12 13.24
N PRO A 187 1.75 0.40 13.47
CA PRO A 187 1.80 -0.59 14.53
C PRO A 187 1.70 0.01 15.95
N CYS A 188 1.13 -0.75 16.87
CA CYS A 188 1.19 -0.39 18.28
C CYS A 188 2.63 -0.45 18.79
N MET A 189 2.98 0.55 19.61
CA MET A 189 4.29 0.64 20.20
C MET A 189 4.58 -0.64 20.99
N ALA A 190 5.75 -1.22 20.75
CA ALA A 190 6.25 -2.39 21.49
C ALA A 190 5.60 -3.76 21.10
N PHE A 191 4.90 -3.82 19.97
CA PHE A 191 4.23 -5.07 19.57
C PHE A 191 4.87 -5.60 18.31
N SER A 192 6.20 -5.52 18.24
N SER A 192 6.19 -5.52 18.20
CA SER A 192 6.91 -5.90 17.00
CA SER A 192 6.81 -5.86 16.92
C SER A 192 6.53 -7.28 16.52
C SER A 192 6.54 -7.30 16.48
N LEU A 193 6.62 -8.28 17.40
CA LEU A 193 6.39 -9.67 16.98
C LEU A 193 4.95 -9.91 16.54
N TYR A 194 3.98 -9.37 17.27
CA TYR A 194 2.60 -9.47 16.84
C TYR A 194 2.47 -8.89 15.43
N ASN A 195 3.02 -7.70 15.23
CA ASN A 195 2.85 -6.96 13.94
C ASN A 195 3.55 -7.71 12.82
N MET A 196 4.71 -8.29 13.13
CA MET A 196 5.42 -9.15 12.16
C MET A 196 4.52 -10.33 11.77
N GLY A 197 3.87 -10.95 12.75
CA GLY A 197 3.01 -12.09 12.44
C GLY A 197 1.87 -11.66 11.52
N LYS A 198 1.28 -10.51 11.82
CA LYS A 198 0.14 -10.00 11.05
C LYS A 198 0.53 -9.54 9.62
N HIS A 199 1.71 -8.95 9.45
CA HIS A 199 2.24 -8.71 8.10
C HIS A 199 2.48 -9.98 7.35
N ALA A 200 3.08 -10.96 8.04
CA ALA A 200 3.25 -12.27 7.39
C ALA A 200 1.93 -12.88 6.95
N LEU A 201 0.88 -12.69 7.73
CA LEU A 201 -0.45 -13.20 7.35
C LEU A 201 -0.98 -12.51 6.06
N VAL A 202 -0.66 -11.23 5.88
CA VAL A 202 -0.97 -10.54 4.60
C VAL A 202 -0.26 -11.26 3.47
N GLY A 203 1.03 -11.55 3.69
CA GLY A 203 1.80 -12.26 2.71
C GLY A 203 1.19 -13.61 2.37
N LEU A 204 0.80 -14.37 3.38
CA LEU A 204 0.16 -15.66 3.14
C LEU A 204 -1.15 -15.53 2.41
N THR A 205 -1.95 -14.53 2.79
CA THR A 205 -3.25 -14.31 2.13
C THR A 205 -3.05 -14.14 0.60
N GLN A 206 -2.09 -13.30 0.25
CA GLN A 206 -1.78 -12.99 -1.16
C GLN A 206 -1.14 -14.18 -1.89
N SER A 207 -0.15 -14.80 -1.26
CA SER A 207 0.58 -15.91 -1.87
C SER A 207 -0.31 -17.11 -2.06
N ALA A 208 -1.13 -17.41 -1.04
CA ALA A 208 -2.06 -18.54 -1.15
C ALA A 208 -3.23 -18.26 -2.12
N ALA A 209 -3.70 -17.02 -2.19
CA ALA A 209 -4.68 -16.68 -3.21
C ALA A 209 -4.12 -17.00 -4.59
N LEU A 210 -2.91 -16.53 -4.84
CA LEU A 210 -2.31 -16.77 -6.16
C LEU A 210 -2.16 -18.26 -6.42
N GLU A 211 -1.64 -19.00 -5.45
CA GLU A 211 -1.24 -20.42 -5.65
C GLU A 211 -2.42 -21.38 -5.65
N LEU A 212 -3.47 -21.03 -4.92
CA LEU A 212 -4.63 -21.90 -4.81
C LEU A 212 -5.77 -21.59 -5.81
N ALA A 213 -5.67 -20.47 -6.51
CA ALA A 213 -6.70 -20.05 -7.45
C ALA A 213 -6.98 -21.13 -8.50
N PRO A 214 -5.93 -21.86 -8.93
CA PRO A 214 -6.14 -22.99 -9.86
C PRO A 214 -7.07 -24.11 -9.35
N TYR A 215 -7.13 -24.29 -8.04
CA TYR A 215 -7.98 -25.29 -7.44
C TYR A 215 -9.31 -24.74 -7.02
N GLY A 216 -9.63 -23.51 -7.38
CA GLY A 216 -10.91 -22.93 -7.03
C GLY A 216 -10.96 -22.47 -5.56
N ILE A 217 -9.84 -22.39 -4.87
CA ILE A 217 -9.86 -21.99 -3.43
C ILE A 217 -9.51 -20.51 -3.37
N ARG A 218 -10.47 -19.70 -2.95
CA ARG A 218 -10.23 -18.27 -2.72
C ARG A 218 -9.61 -18.07 -1.33
N VAL A 219 -8.77 -17.04 -1.21
CA VAL A 219 -8.14 -16.69 0.05
C VAL A 219 -8.21 -15.17 0.27
N ASN A 220 -8.87 -14.74 1.35
CA ASN A 220 -9.13 -13.34 1.63
C ASN A 220 -8.89 -13.05 3.10
N GLY A 221 -8.95 -11.78 3.43
CA GLY A 221 -8.72 -11.33 4.82
C GLY A 221 -9.87 -10.41 5.24
N VAL A 222 -10.08 -10.36 6.55
CA VAL A 222 -10.95 -9.40 7.17
C VAL A 222 -10.08 -8.75 8.28
N ALA A 223 -10.05 -7.43 8.29
CA ALA A 223 -9.09 -6.65 9.07
C ALA A 223 -9.79 -5.65 10.03
N PRO A 224 -10.09 -6.10 11.27
CA PRO A 224 -10.74 -5.21 12.23
C PRO A 224 -9.80 -4.07 12.59
N GLY A 225 -10.36 -2.97 13.10
CA GLY A 225 -9.59 -1.91 13.74
C GLY A 225 -9.58 -2.19 15.23
N VAL A 226 -10.56 -1.67 15.94
CA VAL A 226 -10.87 -2.14 17.26
C VAL A 226 -12.29 -2.70 17.30
N SER A 227 -12.39 -3.86 17.96
CA SER A 227 -13.61 -4.64 18.18
C SER A 227 -13.55 -5.34 19.56
N LEU A 228 -14.60 -5.27 20.36
CA LEU A 228 -14.60 -5.96 21.65
C LEU A 228 -13.42 -5.59 22.53
N LEU A 229 -13.44 -4.40 23.10
CA LEU A 229 -12.35 -3.97 23.98
C LEU A 229 -12.27 -4.89 25.21
N PRO A 230 -11.05 -5.35 25.60
CA PRO A 230 -10.99 -6.28 26.75
C PRO A 230 -11.62 -5.76 28.06
N VAL A 231 -12.01 -6.68 28.93
CA VAL A 231 -12.40 -6.33 30.30
C VAL A 231 -11.12 -5.94 31.06
N ALA A 232 -9.98 -6.50 30.66
CA ALA A 232 -8.66 -6.05 31.15
C ALA A 232 -8.36 -4.54 30.99
N MET A 233 -9.23 -3.77 30.32
CA MET A 233 -8.90 -2.44 29.88
C MET A 233 -9.70 -1.35 30.61
N GLY A 234 -8.99 -0.32 31.02
CA GLY A 234 -9.60 0.77 31.77
C GLY A 234 -10.55 1.63 30.95
N GLU A 235 -11.36 2.40 31.68
CA GLU A 235 -12.36 3.23 31.09
C GLU A 235 -11.75 4.40 30.31
N GLU A 236 -10.68 4.98 30.84
CA GLU A 236 -9.99 6.03 30.11
C GLU A 236 -9.38 5.42 28.82
N GLU A 237 -8.72 4.28 28.96
CA GLU A 237 -8.11 3.59 27.82
C GLU A 237 -9.16 3.22 26.75
N LYS A 238 -10.25 2.58 27.14
CA LYS A 238 -11.35 2.31 26.20
C LYS A 238 -11.91 3.56 25.56
N ASP A 239 -12.17 4.58 26.35
CA ASP A 239 -12.71 5.82 25.81
C ASP A 239 -11.73 6.41 24.80
N LYS A 240 -10.44 6.30 25.11
CA LYS A 240 -9.38 6.82 24.27
C LYS A 240 -9.49 6.18 22.88
N TRP A 241 -9.63 4.86 22.85
CA TRP A 241 -9.77 4.13 21.57
C TRP A 241 -11.07 4.54 20.87
N ARG A 242 -12.17 4.58 21.62
CA ARG A 242 -13.45 4.86 21.00
C ARG A 242 -13.47 6.23 20.40
N ARG A 243 -12.90 7.22 21.08
CA ARG A 243 -12.95 8.60 20.54
C ARG A 243 -12.21 8.77 19.23
N LYS A 244 -11.32 7.83 18.93
CA LYS A 244 -10.49 7.92 17.74
C LYS A 244 -11.25 7.36 16.51
N VAL A 245 -12.30 6.57 16.72
CA VAL A 245 -13.00 5.91 15.61
C VAL A 245 -13.95 6.88 14.91
N PRO A 246 -13.67 7.20 13.62
CA PRO A 246 -14.51 8.22 12.98
C PRO A 246 -15.96 7.84 12.93
N LEU A 247 -16.24 6.58 12.66
CA LEU A 247 -17.60 6.13 12.37
C LEU A 247 -18.25 5.67 13.64
N GLY A 248 -18.92 6.62 14.33
CA GLY A 248 -19.67 6.35 15.54
C GLY A 248 -18.90 6.41 16.85
N ARG A 249 -17.60 6.67 16.80
CA ARG A 249 -16.80 6.76 18.04
C ARG A 249 -17.02 5.53 18.94
N ARG A 250 -16.97 4.35 18.35
CA ARG A 250 -17.25 3.11 19.04
C ARG A 250 -16.55 1.97 18.33
N GLU A 251 -16.21 0.94 19.07
CA GLU A 251 -15.63 -0.29 18.51
C GLU A 251 -16.67 -1.09 17.75
N ALA A 252 -16.21 -1.97 16.85
CA ALA A 252 -17.10 -2.86 16.12
C ALA A 252 -17.57 -3.94 17.07
N SER A 253 -18.79 -4.40 16.88
CA SER A 253 -19.28 -5.60 17.56
C SER A 253 -18.65 -6.83 16.89
N ALA A 254 -18.64 -7.96 17.57
CA ALA A 254 -18.08 -9.17 16.95
C ALA A 254 -18.86 -9.56 15.73
N GLU A 255 -20.19 -9.36 15.78
CA GLU A 255 -21.05 -9.65 14.68
C GLU A 255 -20.70 -8.86 13.40
N GLN A 256 -20.28 -7.61 13.57
CA GLN A 256 -19.94 -6.79 12.44
C GLN A 256 -18.68 -7.34 11.70
N ILE A 257 -17.72 -7.83 12.47
CA ILE A 257 -16.57 -8.54 11.91
C ILE A 257 -17.06 -9.83 11.22
N ALA A 258 -17.89 -10.60 11.89
CA ALA A 258 -18.39 -11.81 11.28
C ALA A 258 -19.16 -11.58 9.96
N ASP A 259 -19.90 -10.47 9.82
CA ASP A 259 -20.64 -10.15 8.58
C ASP A 259 -19.70 -10.12 7.33
N ALA A 260 -18.50 -9.58 7.52
CA ALA A 260 -17.53 -9.51 6.41
C ALA A 260 -16.96 -10.88 6.06
N VAL A 261 -16.83 -11.74 7.06
CA VAL A 261 -16.40 -13.11 6.83
C VAL A 261 -17.44 -13.87 6.04
N ILE A 262 -18.71 -13.73 6.43
CA ILE A 262 -19.83 -14.34 5.75
C ILE A 262 -19.90 -13.92 4.30
N PHE A 263 -19.73 -12.62 4.08
CA PHE A 263 -19.71 -12.10 2.70
C PHE A 263 -18.61 -12.77 1.88
N LEU A 264 -17.39 -12.81 2.42
CA LEU A 264 -16.28 -13.37 1.65
C LEU A 264 -16.44 -14.87 1.34
N VAL A 265 -17.06 -15.61 2.24
CA VAL A 265 -17.27 -17.05 1.96
C VAL A 265 -18.48 -17.28 1.07
N SER A 266 -19.34 -16.28 0.90
CA SER A 266 -20.56 -16.41 0.11
C SER A 266 -20.33 -16.47 -1.41
N GLY A 267 -21.37 -16.86 -2.11
CA GLY A 267 -21.38 -16.82 -3.57
C GLY A 267 -21.43 -15.41 -4.12
N SER A 268 -21.69 -14.42 -3.28
CA SER A 268 -21.55 -13.02 -3.69
C SER A 268 -20.12 -12.54 -3.77
N ALA A 269 -19.15 -13.43 -3.46
CA ALA A 269 -17.72 -13.09 -3.46
C ALA A 269 -16.93 -14.06 -4.33
N GLN A 270 -17.62 -14.68 -5.30
CA GLN A 270 -17.02 -15.73 -6.13
C GLN A 270 -15.78 -15.31 -6.93
N TYR A 271 -15.65 -14.02 -7.25
CA TYR A 271 -14.49 -13.54 -8.00
C TYR A 271 -13.44 -12.86 -7.11
N ILE A 272 -13.72 -12.81 -5.80
CA ILE A 272 -12.84 -12.14 -4.89
C ILE A 272 -11.83 -13.10 -4.33
N THR A 273 -10.56 -12.82 -4.59
CA THR A 273 -9.50 -13.59 -3.92
C THR A 273 -8.31 -12.65 -3.78
N GLY A 274 -7.60 -12.81 -2.67
CA GLY A 274 -6.46 -11.98 -2.31
C GLY A 274 -6.83 -10.58 -1.82
N SER A 275 -8.09 -10.40 -1.42
CA SER A 275 -8.57 -9.12 -1.03
C SER A 275 -8.62 -9.11 0.50
N ILE A 276 -8.22 -7.98 1.11
CA ILE A 276 -8.35 -7.77 2.58
C ILE A 276 -9.32 -6.62 2.87
N ILE A 277 -10.44 -6.94 3.51
CA ILE A 277 -11.50 -5.97 3.70
C ILE A 277 -11.32 -5.43 5.12
N LYS A 278 -11.05 -4.13 5.26
CA LYS A 278 -10.99 -3.47 6.56
C LYS A 278 -12.44 -3.35 7.10
N VAL A 279 -12.62 -3.62 8.39
CA VAL A 279 -13.90 -3.42 9.05
C VAL A 279 -13.57 -2.59 10.31
N ASP A 280 -13.28 -1.33 10.09
CA ASP A 280 -12.55 -0.54 11.06
C ASP A 280 -13.17 0.83 11.36
N GLY A 281 -14.30 1.15 10.76
CA GLY A 281 -14.96 2.44 11.08
C GLY A 281 -14.13 3.65 10.72
N GLY A 282 -13.19 3.44 9.81
CA GLY A 282 -12.27 4.47 9.40
C GLY A 282 -11.04 4.67 10.25
N LEU A 283 -10.88 3.88 11.32
CA LEU A 283 -9.76 4.08 12.24
C LEU A 283 -8.38 4.20 11.58
N SER A 284 -8.11 3.34 10.58
CA SER A 284 -6.81 3.31 9.95
C SER A 284 -6.54 4.55 9.12
N LEU A 285 -7.55 5.36 8.84
CA LEU A 285 -7.31 6.58 8.07
C LEU A 285 -6.93 7.82 8.92
N VAL A 286 -6.90 7.66 10.24
CA VAL A 286 -6.79 8.79 11.15
C VAL A 286 -5.33 8.97 11.47
N HIS A 287 -4.79 10.11 11.11
CA HIS A 287 -3.38 10.37 11.37
C HIS A 287 -3.14 10.64 12.86
N ALA A 288 -1.89 10.71 13.22
CA ALA A 288 -1.51 10.95 14.61
C ALA A 288 -1.96 12.31 15.12
N GLU B 22 -40.82 2.83 3.26
CA GLU B 22 -40.50 3.60 2.02
C GLU B 22 -39.17 3.14 1.39
N ALA B 23 -39.12 3.07 0.07
CA ALA B 23 -37.93 2.55 -0.60
C ALA B 23 -36.80 3.59 -0.64
N PRO B 24 -35.57 3.15 -0.32
CA PRO B 24 -34.42 4.02 -0.40
C PRO B 24 -34.10 4.34 -1.85
N ALA B 25 -33.24 5.33 -2.09
CA ALA B 25 -32.94 5.71 -3.46
C ALA B 25 -31.42 5.85 -3.71
N ALA B 26 -31.03 5.53 -4.95
CA ALA B 26 -29.62 5.52 -5.37
C ALA B 26 -29.42 6.21 -6.69
N VAL B 27 -28.34 6.96 -6.74
CA VAL B 27 -27.81 7.53 -7.94
C VAL B 27 -26.66 6.66 -8.39
N VAL B 28 -26.73 6.20 -9.64
CA VAL B 28 -25.63 5.50 -10.27
C VAL B 28 -25.19 6.28 -11.51
N THR B 29 -23.92 6.69 -11.53
CA THR B 29 -23.41 7.41 -12.69
C THR B 29 -22.96 6.43 -13.76
N GLY B 30 -23.10 6.84 -15.02
CA GLY B 30 -22.74 5.99 -16.16
C GLY B 30 -23.46 4.67 -16.15
N ALA B 31 -24.75 4.76 -15.84
CA ALA B 31 -25.59 3.60 -15.56
C ALA B 31 -26.37 3.03 -16.75
N ALA B 32 -26.21 3.61 -17.94
CA ALA B 32 -27.01 3.17 -19.10
C ALA B 32 -26.59 1.81 -19.65
N LYS B 33 -25.32 1.46 -19.42
CA LYS B 33 -24.75 0.25 -19.99
C LYS B 33 -23.75 -0.46 -19.06
N ARG B 34 -23.37 -1.66 -19.48
CA ARG B 34 -22.22 -2.33 -18.91
C ARG B 34 -22.28 -2.39 -17.36
N ILE B 35 -21.20 -2.02 -16.67
CA ILE B 35 -21.12 -2.27 -15.25
C ILE B 35 -22.10 -1.37 -14.49
N GLY B 36 -22.20 -0.08 -14.84
CA GLY B 36 -23.16 0.79 -14.14
C GLY B 36 -24.59 0.29 -14.28
N ARG B 37 -24.95 -0.18 -15.48
CA ARG B 37 -26.27 -0.76 -15.70
C ARG B 37 -26.51 -1.94 -14.78
N ALA B 38 -25.53 -2.84 -14.69
CA ALA B 38 -25.63 -4.01 -13.82
C ALA B 38 -25.79 -3.62 -12.36
N ILE B 39 -25.08 -2.56 -11.94
CA ILE B 39 -25.24 -2.05 -10.58
C ILE B 39 -26.63 -1.48 -10.36
N ALA B 40 -27.13 -0.69 -11.31
CA ALA B 40 -28.48 -0.14 -11.20
C ALA B 40 -29.52 -1.29 -11.11
N VAL B 41 -29.38 -2.30 -11.98
CA VAL B 41 -30.32 -3.42 -12.00
C VAL B 41 -30.29 -4.12 -10.67
N LYS B 42 -29.10 -4.40 -10.14
CA LYS B 42 -29.04 -5.07 -8.85
C LYS B 42 -29.55 -4.25 -7.66
N LEU B 43 -29.27 -2.95 -7.59
CA LEU B 43 -29.85 -2.10 -6.51
C LEU B 43 -31.38 -2.09 -6.56
N HIS B 44 -31.89 -1.98 -7.77
CA HIS B 44 -33.33 -1.99 -8.03
C HIS B 44 -33.93 -3.33 -7.62
N GLN B 45 -33.30 -4.44 -8.06
CA GLN B 45 -33.76 -5.79 -7.62
C GLN B 45 -33.74 -5.95 -6.13
N THR B 46 -32.90 -5.16 -5.46
CA THR B 46 -32.73 -5.16 -4.01
C THR B 46 -33.77 -4.27 -3.32
N GLY B 47 -34.54 -3.48 -4.08
CA GLY B 47 -35.56 -2.59 -3.44
C GLY B 47 -35.35 -1.08 -3.57
N TYR B 48 -34.26 -0.66 -4.23
CA TYR B 48 -33.97 0.76 -4.35
C TYR B 48 -34.72 1.32 -5.52
N ARG B 49 -35.08 2.58 -5.40
CA ARG B 49 -35.43 3.41 -6.57
C ARG B 49 -34.14 3.97 -7.10
N VAL B 50 -34.03 4.17 -8.41
CA VAL B 50 -32.74 4.55 -9.00
C VAL B 50 -32.79 5.73 -9.97
N VAL B 51 -31.80 6.60 -9.83
CA VAL B 51 -31.46 7.56 -10.85
C VAL B 51 -30.36 6.95 -11.68
N ILE B 52 -30.70 6.74 -12.94
CA ILE B 52 -29.81 6.28 -13.97
C ILE B 52 -29.20 7.46 -14.66
N HIS B 53 -27.98 7.82 -14.28
CA HIS B 53 -27.31 8.91 -14.96
C HIS B 53 -26.64 8.37 -16.23
N TYR B 54 -26.56 9.20 -17.25
CA TYR B 54 -25.92 8.87 -18.50
C TYR B 54 -25.41 10.17 -19.14
N HIS B 55 -24.52 10.02 -20.11
CA HIS B 55 -23.97 11.14 -20.86
C HIS B 55 -24.49 11.04 -22.30
N ASN B 56 -23.97 10.07 -23.07
CA ASN B 56 -24.38 9.84 -24.46
C ASN B 56 -25.35 8.71 -24.69
N SER B 57 -25.47 7.74 -23.78
CA SER B 57 -26.26 6.53 -24.12
C SER B 57 -27.73 6.72 -23.73
N ALA B 58 -28.35 7.67 -24.42
CA ALA B 58 -29.67 8.15 -24.05
C ALA B 58 -30.71 7.07 -24.19
N GLU B 59 -30.58 6.34 -25.26
CA GLU B 59 -31.53 5.34 -25.62
C GLU B 59 -31.44 4.14 -24.70
N ALA B 60 -30.21 3.68 -24.42
CA ALA B 60 -29.99 2.57 -23.48
C ALA B 60 -30.50 2.99 -22.10
N ALA B 61 -30.31 4.23 -21.76
CA ALA B 61 -30.72 4.71 -20.46
C ALA B 61 -32.25 4.71 -20.27
N VAL B 62 -32.94 5.32 -21.24
CA VAL B 62 -34.42 5.43 -21.20
C VAL B 62 -34.97 4.02 -21.27
N SER B 63 -34.37 3.17 -22.10
CA SER B 63 -34.85 1.79 -22.17
C SER B 63 -34.73 1.12 -20.80
N LEU B 64 -33.64 1.37 -20.09
CA LEU B 64 -33.47 0.81 -18.75
C LEU B 64 -34.51 1.34 -17.74
N ALA B 65 -34.72 2.66 -17.65
CA ALA B 65 -35.75 3.18 -16.76
C ALA B 65 -37.11 2.52 -17.11
N ASP B 66 -37.44 2.47 -18.41
CA ASP B 66 -38.73 1.88 -18.85
C ASP B 66 -38.93 0.52 -18.27
N GLU B 67 -37.90 -0.30 -18.44
CA GLU B 67 -37.92 -1.66 -17.97
C GLU B 67 -37.98 -1.77 -16.45
N LEU B 68 -37.24 -0.93 -15.72
CA LEU B 68 -37.30 -1.00 -14.27
C LEU B 68 -38.66 -0.52 -13.76
N ASN B 69 -39.21 0.50 -14.41
CA ASN B 69 -40.52 1.03 -14.00
C ASN B 69 -41.68 0.07 -14.33
N LYS B 70 -41.50 -0.68 -15.40
CA LYS B 70 -42.45 -1.70 -15.82
C LYS B 70 -42.50 -2.79 -14.77
N GLU B 71 -41.35 -3.01 -14.10
CA GLU B 71 -41.25 -3.96 -12.99
C GLU B 71 -41.81 -3.41 -11.65
N ARG B 72 -41.48 -2.17 -11.32
CA ARG B 72 -42.11 -1.45 -10.19
C ARG B 72 -42.34 0.01 -10.59
N SER B 73 -43.60 0.42 -10.68
CA SER B 73 -43.96 1.77 -11.10
C SER B 73 -43.26 2.85 -10.29
N ASN B 74 -42.86 3.91 -10.98
CA ASN B 74 -42.25 5.10 -10.35
C ASN B 74 -41.01 4.83 -9.50
N THR B 75 -40.13 3.98 -10.00
CA THR B 75 -38.90 3.58 -9.27
C THR B 75 -37.61 3.88 -10.06
N ALA B 76 -37.71 4.41 -11.26
CA ALA B 76 -36.52 4.79 -11.98
C ALA B 76 -36.74 6.08 -12.77
N VAL B 77 -35.75 6.94 -12.77
CA VAL B 77 -35.64 8.04 -13.75
C VAL B 77 -34.25 8.12 -14.36
N VAL B 78 -34.16 8.80 -15.51
CA VAL B 78 -32.87 9.13 -16.08
C VAL B 78 -32.46 10.52 -15.76
N CYS B 79 -31.15 10.77 -15.88
CA CYS B 79 -30.59 12.10 -15.65
C CYS B 79 -29.32 12.21 -16.49
N GLN B 80 -29.35 13.13 -17.48
CA GLN B 80 -28.24 13.35 -18.39
C GLN B 80 -27.29 14.45 -17.84
N ALA B 81 -26.00 14.15 -17.83
CA ALA B 81 -24.98 15.14 -17.52
C ALA B 81 -23.66 14.72 -18.12
N ASP B 82 -22.94 15.66 -18.69
CA ASP B 82 -21.56 15.50 -19.00
C ASP B 82 -20.78 15.70 -17.69
N LEU B 83 -19.86 14.79 -17.41
CA LEU B 83 -19.04 14.92 -16.19
C LEU B 83 -17.56 15.31 -16.44
N THR B 84 -17.26 15.76 -17.66
CA THR B 84 -16.02 16.43 -17.95
C THR B 84 -15.84 17.62 -17.01
N ASN B 85 -14.60 17.84 -16.59
CA ASN B 85 -14.29 18.98 -15.78
C ASN B 85 -14.54 20.33 -16.49
N SER B 86 -15.07 21.28 -15.76
CA SER B 86 -15.35 22.62 -16.26
C SER B 86 -15.82 23.45 -15.06
N ASN B 87 -15.93 24.73 -15.28
CA ASN B 87 -16.41 25.63 -14.25
C ASN B 87 -17.91 25.39 -13.91
N VAL B 88 -18.63 24.67 -14.76
CA VAL B 88 -20.03 24.29 -14.54
C VAL B 88 -20.21 22.87 -13.95
N LEU B 89 -19.12 22.12 -13.84
CA LEU B 89 -19.25 20.77 -13.32
C LEU B 89 -19.89 20.75 -11.93
N PRO B 90 -19.51 21.67 -11.03
CA PRO B 90 -20.20 21.63 -9.74
C PRO B 90 -21.73 21.74 -9.83
N ALA B 91 -22.23 22.70 -10.59
CA ALA B 91 -23.70 22.81 -10.84
C ALA B 91 -24.24 21.53 -11.45
N SER B 92 -23.51 20.88 -12.39
CA SER B 92 -24.03 19.65 -12.96
C SER B 92 -24.13 18.52 -11.95
N CYS B 93 -23.15 18.44 -11.05
CA CYS B 93 -23.16 17.41 -10.02
C CYS B 93 -24.26 17.68 -8.98
N GLU B 94 -24.41 18.95 -8.56
CA GLU B 94 -25.49 19.35 -7.67
C GLU B 94 -26.86 18.95 -8.26
N GLU B 95 -26.99 19.11 -9.58
CA GLU B 95 -28.26 18.82 -10.26
C GLU B 95 -28.56 17.34 -10.30
N ILE B 96 -27.51 16.51 -10.42
CA ILE B 96 -27.71 15.06 -10.37
C ILE B 96 -28.31 14.67 -9.03
N ILE B 97 -27.73 15.16 -7.94
CA ILE B 97 -28.23 14.82 -6.61
C ILE B 97 -29.65 15.41 -6.42
N ASN B 98 -29.83 16.68 -6.81
CA ASN B 98 -31.17 17.31 -6.85
C ASN B 98 -32.20 16.48 -7.62
N SER B 99 -31.82 15.89 -8.75
CA SER B 99 -32.74 15.04 -9.50
C SER B 99 -33.23 13.81 -8.76
N CYS B 100 -32.38 13.23 -7.90
CA CYS B 100 -32.79 12.13 -7.08
C CYS B 100 -33.81 12.58 -6.00
N PHE B 101 -33.59 13.71 -5.35
CA PHE B 101 -34.54 14.23 -4.38
C PHE B 101 -35.87 14.64 -5.05
N ARG B 102 -35.78 15.20 -6.24
CA ARG B 102 -36.98 15.64 -7.00
C ARG B 102 -37.84 14.44 -7.33
N ALA B 103 -37.22 13.37 -7.81
CA ALA B 103 -37.95 12.18 -8.16
C ALA B 103 -38.39 11.40 -6.93
N PHE B 104 -37.53 11.28 -5.91
CA PHE B 104 -37.79 10.29 -4.90
C PHE B 104 -37.93 10.82 -3.49
N GLY B 105 -37.60 12.07 -3.26
CA GLY B 105 -37.67 12.64 -1.93
C GLY B 105 -36.52 12.35 -0.98
N ARG B 106 -35.52 11.61 -1.45
CA ARG B 106 -34.40 11.20 -0.61
C ARG B 106 -33.28 10.74 -1.53
N CYS B 107 -32.07 10.68 -1.00
CA CYS B 107 -30.93 10.12 -1.77
C CYS B 107 -30.03 9.36 -0.79
N ASP B 108 -30.08 8.03 -0.85
CA ASP B 108 -29.45 7.20 0.18
C ASP B 108 -28.05 6.69 -0.21
N VAL B 109 -27.87 6.45 -1.48
CA VAL B 109 -26.71 5.84 -2.06
C VAL B 109 -26.27 6.59 -3.33
N LEU B 110 -24.95 6.81 -3.41
CA LEU B 110 -24.31 7.33 -4.61
C LEU B 110 -23.25 6.33 -5.04
N VAL B 111 -23.30 5.92 -6.29
CA VAL B 111 -22.28 5.05 -6.89
C VAL B 111 -21.60 5.83 -7.98
N ASN B 112 -20.31 6.17 -7.78
CA ASN B 112 -19.48 6.90 -8.72
C ASN B 112 -18.83 5.90 -9.67
N ASN B 113 -19.56 5.62 -10.75
CA ASN B 113 -19.18 4.61 -11.72
C ASN B 113 -18.71 5.17 -13.07
N ALA B 114 -19.31 6.27 -13.52
CA ALA B 114 -18.99 6.83 -14.84
C ALA B 114 -17.49 7.14 -14.99
N SER B 115 -16.92 6.92 -16.17
CA SER B 115 -15.46 7.03 -16.33
C SER B 115 -15.06 7.07 -17.77
N ALA B 116 -14.28 8.08 -18.14
CA ALA B 116 -13.58 8.07 -19.43
C ALA B 116 -12.32 7.25 -19.27
N PHE B 117 -11.97 6.54 -20.34
CA PHE B 117 -10.81 5.65 -20.34
C PHE B 117 -10.24 5.60 -21.77
N TYR B 118 -9.03 6.14 -21.92
CA TYR B 118 -8.28 6.06 -23.18
C TYR B 118 -6.84 6.49 -22.90
N PRO B 119 -5.90 6.09 -23.77
CA PRO B 119 -4.50 6.45 -23.55
C PRO B 119 -4.19 7.93 -23.73
N THR B 120 -3.17 8.41 -23.03
CA THR B 120 -2.71 9.79 -23.13
C THR B 120 -1.20 9.77 -23.02
N PRO B 121 -0.51 9.39 -24.11
CA PRO B 121 0.94 9.20 -24.01
C PRO B 121 1.66 10.47 -23.63
N LEU B 122 2.75 10.30 -22.92
CA LEU B 122 3.58 11.40 -22.50
C LEU B 122 4.43 12.01 -23.64
N VAL B 123 4.74 11.20 -24.65
CA VAL B 123 5.63 11.58 -25.78
C VAL B 123 4.99 11.34 -27.15
N GLY B 133 -7.17 13.26 -31.80
CA GLY B 133 -7.90 14.46 -32.23
C GLY B 133 -8.09 15.39 -31.04
N LYS B 134 -8.14 14.82 -29.84
CA LYS B 134 -8.35 15.61 -28.63
C LYS B 134 -7.15 16.41 -28.15
N THR B 135 -7.41 17.65 -27.81
CA THR B 135 -6.36 18.41 -27.16
C THR B 135 -6.01 17.80 -25.80
N VAL B 136 -4.82 18.11 -25.31
CA VAL B 136 -4.43 17.69 -23.97
C VAL B 136 -5.34 18.34 -22.89
N GLU B 137 -5.71 19.61 -23.07
CA GLU B 137 -6.73 20.29 -22.23
C GLU B 137 -7.98 19.39 -22.07
N THR B 138 -8.53 18.96 -23.20
CA THR B 138 -9.69 18.09 -23.22
C THR B 138 -9.45 16.74 -22.58
N GLN B 139 -8.26 16.15 -22.79
CA GLN B 139 -7.94 14.86 -22.17
C GLN B 139 -7.89 14.97 -20.66
N VAL B 140 -7.28 16.03 -20.17
CA VAL B 140 -7.21 16.28 -18.75
C VAL B 140 -8.65 16.45 -18.19
N ALA B 141 -9.41 17.31 -18.85
CA ALA B 141 -10.76 17.60 -18.37
C ALA B 141 -11.63 16.32 -18.30
N GLU B 142 -11.53 15.46 -19.32
CA GLU B 142 -12.39 14.25 -19.40
C GLU B 142 -11.95 13.16 -18.44
N LEU B 143 -10.65 12.88 -18.42
CA LEU B 143 -10.12 11.79 -17.59
C LEU B 143 -10.07 12.16 -16.10
N ILE B 144 -9.65 13.36 -15.79
CA ILE B 144 -9.58 13.76 -14.41
C ILE B 144 -10.99 14.18 -13.91
N GLY B 145 -11.75 14.84 -14.76
CA GLY B 145 -13.16 15.16 -14.39
C GLY B 145 -14.00 13.95 -14.07
N THR B 146 -14.09 13.01 -14.99
CA THR B 146 -14.96 11.87 -14.79
C THR B 146 -14.50 10.98 -13.67
N ASN B 147 -13.20 10.74 -13.63
CA ASN B 147 -12.70 9.74 -12.68
C ASN B 147 -12.52 10.26 -11.28
N ALA B 148 -12.38 11.57 -11.11
CA ALA B 148 -12.04 12.15 -9.82
C ALA B 148 -12.80 13.39 -9.39
N ILE B 149 -12.84 14.42 -10.22
CA ILE B 149 -13.45 15.69 -9.80
C ILE B 149 -14.98 15.55 -9.70
N ALA B 150 -15.62 14.88 -10.65
CA ALA B 150 -17.08 14.70 -10.55
C ALA B 150 -17.47 13.87 -9.30
N PRO B 151 -16.75 12.76 -9.06
CA PRO B 151 -16.97 12.01 -7.79
C PRO B 151 -16.84 12.89 -6.55
N PHE B 152 -15.88 13.78 -6.56
CA PHE B 152 -15.70 14.71 -5.45
C PHE B 152 -16.90 15.67 -5.29
N LEU B 153 -17.33 16.28 -6.39
CA LEU B 153 -18.46 17.25 -6.38
C LEU B 153 -19.81 16.58 -6.07
N LEU B 154 -20.02 15.41 -6.63
CA LEU B 154 -21.18 14.59 -6.30
C LEU B 154 -21.16 14.22 -4.81
N THR B 155 -19.98 13.90 -4.28
CA THR B 155 -19.88 13.63 -2.88
C THR B 155 -20.26 14.84 -2.05
N MET B 156 -19.74 16.01 -2.44
CA MET B 156 -20.08 17.24 -1.77
C MET B 156 -21.59 17.50 -1.77
N SER B 157 -22.20 17.38 -2.96
CA SER B 157 -23.63 17.64 -3.10
C SER B 157 -24.42 16.60 -2.33
N PHE B 158 -23.96 15.34 -2.36
CA PHE B 158 -24.63 14.29 -1.58
C PHE B 158 -24.68 14.63 -0.10
N ALA B 159 -23.55 15.00 0.44
CA ALA B 159 -23.41 15.30 1.86
C ALA B 159 -24.15 16.57 2.28
N GLN B 160 -24.03 17.60 1.47
CA GLN B 160 -24.68 18.88 1.73
C GLN B 160 -26.19 18.67 1.72
N ARG B 161 -26.70 17.89 0.77
CA ARG B 161 -28.15 17.68 0.71
C ARG B 161 -28.67 16.90 1.90
N GLN B 162 -27.81 16.14 2.56
CA GLN B 162 -28.20 15.53 3.81
C GLN B 162 -27.70 16.46 4.91
N SER B 172 -31.43 5.53 8.63
CA SER B 172 -30.85 5.65 7.31
C SER B 172 -29.38 5.13 7.22
N ASN B 173 -29.16 4.24 6.26
CA ASN B 173 -27.85 3.69 5.99
C ASN B 173 -27.35 4.39 4.73
N LEU B 174 -26.76 5.57 4.93
CA LEU B 174 -26.27 6.40 3.81
C LEU B 174 -24.85 5.95 3.42
N SER B 175 -24.57 5.76 2.12
CA SER B 175 -23.18 5.46 1.72
C SER B 175 -22.91 5.75 0.26
N ILE B 176 -21.60 5.83 -0.03
CA ILE B 176 -21.09 6.12 -1.36
C ILE B 176 -20.16 4.97 -1.74
N VAL B 177 -20.21 4.55 -3.00
CA VAL B 177 -19.29 3.53 -3.47
C VAL B 177 -18.66 4.03 -4.75
N ASN B 178 -17.32 4.09 -4.76
CA ASN B 178 -16.53 4.55 -5.87
C ASN B 178 -15.93 3.37 -6.65
N LEU B 179 -16.04 3.40 -7.96
CA LEU B 179 -15.49 2.35 -8.80
C LEU B 179 -14.01 2.69 -9.08
N CYS B 180 -13.13 1.92 -8.42
CA CYS B 180 -11.68 2.11 -8.37
C CYS B 180 -11.06 1.13 -9.36
N ASP B 181 -9.72 1.05 -9.39
N ASP B 181 -9.78 0.85 -9.24
CA ASP B 181 -8.96 0.09 -10.22
CA ASP B 181 -9.09 0.06 -10.23
C ASP B 181 -8.19 -0.83 -9.32
C ASP B 181 -8.12 -0.81 -9.44
N ALA B 182 -8.27 -2.13 -9.53
CA ALA B 182 -7.44 -3.05 -8.74
C ALA B 182 -5.96 -2.91 -9.07
N MET B 183 -5.69 -2.48 -10.30
N MET B 183 -5.67 -2.51 -10.29
CA MET B 183 -4.36 -2.38 -10.88
CA MET B 183 -4.29 -2.44 -10.77
C MET B 183 -3.74 -0.99 -10.77
C MET B 183 -3.74 -1.00 -10.76
N VAL B 184 -4.25 -0.15 -9.86
CA VAL B 184 -3.90 1.27 -9.84
C VAL B 184 -2.41 1.47 -9.58
N ASP B 185 -1.78 0.52 -8.90
CA ASP B 185 -0.35 0.62 -8.67
C ASP B 185 0.52 -0.17 -9.62
N GLN B 186 -0.09 -0.78 -10.65
CA GLN B 186 0.63 -1.40 -11.75
C GLN B 186 -0.03 -0.86 -13.04
N PRO B 187 0.19 0.41 -13.34
CA PRO B 187 -0.59 1.06 -14.39
C PRO B 187 -0.35 0.53 -15.81
N CYS B 188 -1.41 0.65 -16.62
CA CYS B 188 -1.29 0.43 -18.07
C CYS B 188 -0.40 1.46 -18.72
N MET B 189 0.39 0.98 -19.68
CA MET B 189 1.35 1.80 -20.37
C MET B 189 0.61 2.89 -21.10
N ALA B 190 1.07 4.13 -20.96
CA ALA B 190 0.52 5.30 -21.66
C ALA B 190 -0.86 5.75 -21.19
N PHE B 191 -1.26 5.34 -19.97
CA PHE B 191 -2.56 5.72 -19.42
C PHE B 191 -2.41 6.64 -18.19
N SER B 192 -1.48 7.59 -18.24
CA SER B 192 -1.12 8.35 -17.04
C SER B 192 -2.31 9.18 -16.51
N LEU B 193 -3.07 9.87 -17.33
CA LEU B 193 -4.16 10.71 -16.79
C LEU B 193 -5.26 9.83 -16.20
N TYR B 194 -5.63 8.75 -16.89
CA TYR B 194 -6.64 7.81 -16.36
C TYR B 194 -6.19 7.29 -14.99
N ASN B 195 -4.92 6.91 -14.92
CA ASN B 195 -4.37 6.37 -13.67
C ASN B 195 -4.30 7.43 -12.59
N MET B 196 -3.89 8.64 -12.95
CA MET B 196 -3.92 9.76 -12.00
C MET B 196 -5.36 9.96 -11.44
N GLY B 197 -6.35 9.93 -12.31
CA GLY B 197 -7.77 10.00 -11.91
C GLY B 197 -8.18 8.95 -10.88
N LYS B 198 -7.84 7.71 -11.18
CA LYS B 198 -8.19 6.60 -10.32
C LYS B 198 -7.41 6.64 -9.01
N HIS B 199 -6.18 7.11 -9.05
CA HIS B 199 -5.47 7.39 -7.75
C HIS B 199 -6.13 8.47 -6.92
N ALA B 200 -6.44 9.59 -7.57
CA ALA B 200 -7.22 10.65 -6.91
C ALA B 200 -8.50 10.08 -6.27
N LEU B 201 -9.14 9.14 -6.94
CA LEU B 201 -10.36 8.49 -6.47
C LEU B 201 -10.15 7.70 -5.18
N VAL B 202 -9.02 7.00 -5.09
CA VAL B 202 -8.59 6.38 -3.85
C VAL B 202 -8.51 7.47 -2.74
N GLY B 203 -7.86 8.58 -3.04
CA GLY B 203 -7.69 9.63 -1.98
C GLY B 203 -9.03 10.22 -1.54
N LEU B 204 -9.92 10.42 -2.48
CA LEU B 204 -11.28 10.87 -2.19
C LEU B 204 -12.05 9.88 -1.32
N THR B 205 -11.96 8.58 -1.66
CA THR B 205 -12.62 7.55 -0.91
C THR B 205 -12.19 7.65 0.55
N GLN B 206 -10.88 7.75 0.77
CA GLN B 206 -10.32 7.83 2.13
C GLN B 206 -10.63 9.18 2.84
N SER B 207 -10.43 10.29 2.17
CA SER B 207 -10.69 11.63 2.76
C SER B 207 -12.17 11.84 3.07
N ALA B 208 -13.04 11.40 2.17
CA ALA B 208 -14.47 11.51 2.41
C ALA B 208 -14.96 10.55 3.47
N ALA B 209 -14.40 9.34 3.53
CA ALA B 209 -14.75 8.41 4.61
C ALA B 209 -14.50 9.06 5.95
N LEU B 210 -13.31 9.64 6.10
CA LEU B 210 -12.89 10.33 7.34
C LEU B 210 -13.82 11.49 7.68
N GLU B 211 -14.05 12.37 6.70
CA GLU B 211 -14.76 13.63 6.94
C GLU B 211 -16.27 13.45 7.10
N LEU B 212 -16.85 12.50 6.35
CA LEU B 212 -18.29 12.26 6.40
C LEU B 212 -18.73 11.25 7.49
N ALA B 213 -17.77 10.59 8.14
CA ALA B 213 -18.09 9.67 9.24
C ALA B 213 -18.99 10.28 10.33
N PRO B 214 -18.67 11.49 10.85
CA PRO B 214 -19.54 12.15 11.82
C PRO B 214 -20.98 12.30 11.40
N TYR B 215 -21.26 12.28 10.11
CA TYR B 215 -22.62 12.37 9.58
C TYR B 215 -23.22 11.00 9.29
N GLY B 216 -22.51 9.92 9.61
CA GLY B 216 -23.03 8.60 9.36
C GLY B 216 -23.03 8.19 7.89
N ILE B 217 -22.28 8.88 7.05
CA ILE B 217 -22.16 8.50 5.62
C ILE B 217 -20.85 7.74 5.47
N ARG B 218 -20.96 6.50 5.03
CA ARG B 218 -19.82 5.62 4.73
C ARG B 218 -19.42 5.81 3.24
N VAL B 219 -18.12 5.73 3.02
CA VAL B 219 -17.52 5.87 1.70
C VAL B 219 -16.54 4.74 1.46
N ASN B 220 -16.83 3.93 0.45
CA ASN B 220 -16.08 2.73 0.15
C ASN B 220 -15.81 2.64 -1.35
N GLY B 221 -14.95 1.70 -1.72
CA GLY B 221 -14.66 1.45 -3.11
C GLY B 221 -14.79 0.00 -3.50
N VAL B 222 -15.09 -0.24 -4.78
CA VAL B 222 -15.05 -1.55 -5.38
C VAL B 222 -14.07 -1.42 -6.54
N ALA B 223 -13.08 -2.32 -6.57
CA ALA B 223 -11.98 -2.23 -7.52
C ALA B 223 -11.91 -3.47 -8.44
N PRO B 224 -12.50 -3.38 -9.64
CA PRO B 224 -12.37 -4.46 -10.63
C PRO B 224 -10.93 -4.60 -11.11
N GLY B 225 -10.57 -5.80 -11.56
CA GLY B 225 -9.35 -6.01 -12.32
C GLY B 225 -9.71 -5.86 -13.79
N VAL B 226 -10.11 -6.96 -14.43
N VAL B 226 -9.91 -7.01 -14.44
CA VAL B 226 -10.84 -6.87 -15.72
CA VAL B 226 -10.51 -7.05 -15.74
C VAL B 226 -12.24 -7.45 -15.57
C VAL B 226 -11.89 -7.64 -15.54
N SER B 227 -13.23 -6.70 -16.07
N SER B 227 -12.87 -6.87 -16.00
CA SER B 227 -14.60 -7.09 -16.02
CA SER B 227 -14.24 -7.28 -16.11
C SER B 227 -15.31 -6.64 -17.29
C SER B 227 -14.66 -7.11 -17.57
N LEU B 228 -16.17 -7.49 -17.80
N LEU B 228 -15.82 -6.50 -17.82
CA LEU B 228 -16.98 -7.15 -18.98
CA LEU B 228 -16.30 -6.35 -19.18
C LEU B 228 -16.09 -6.54 -20.07
C LEU B 228 -15.22 -5.71 -20.05
N LEU B 229 -15.48 -7.41 -20.86
N LEU B 229 -14.87 -6.37 -21.14
CA LEU B 229 -14.62 -6.92 -21.91
CA LEU B 229 -13.80 -5.93 -22.02
C LEU B 229 -15.54 -6.35 -23.01
C LEU B 229 -14.37 -4.97 -23.07
N PRO B 230 -15.18 -5.18 -23.57
N PRO B 230 -13.52 -4.11 -23.63
CA PRO B 230 -15.97 -4.72 -24.72
CA PRO B 230 -14.04 -3.11 -24.57
C PRO B 230 -16.35 -5.90 -25.68
C PRO B 230 -14.72 -3.77 -25.77
N VAL B 231 -17.63 -6.09 -25.97
N VAL B 231 -15.75 -3.13 -26.32
CA VAL B 231 -18.04 -7.10 -26.99
CA VAL B 231 -16.52 -3.73 -27.41
C VAL B 231 -17.12 -6.97 -28.21
C VAL B 231 -15.64 -3.84 -28.62
N ALA B 232 -16.83 -5.72 -28.57
N ALA B 232 -14.82 -2.83 -28.84
CA ALA B 232 -16.04 -5.35 -29.74
CA ALA B 232 -13.97 -2.77 -30.02
C ALA B 232 -14.51 -5.57 -29.72
C ALA B 232 -12.78 -3.69 -29.81
N MET B 233 -13.85 -5.52 -28.55
N MET B 233 -12.84 -4.45 -28.73
CA MET B 233 -12.35 -5.67 -28.47
CA MET B 233 -11.80 -5.40 -28.40
C MET B 233 -11.99 -6.93 -29.22
C MET B 233 -11.91 -6.73 -29.17
N GLY B 234 -10.82 -7.03 -29.86
CA GLY B 234 -10.56 -8.27 -30.59
C GLY B 234 -10.53 -9.52 -29.71
N GLU B 235 -10.90 -10.67 -30.27
CA GLU B 235 -10.93 -11.90 -29.48
C GLU B 235 -9.56 -12.31 -28.97
N GLU B 236 -8.52 -12.07 -29.77
CA GLU B 236 -7.19 -12.47 -29.40
C GLU B 236 -6.71 -11.67 -28.16
N GLU B 237 -6.99 -10.38 -28.19
CA GLU B 237 -6.74 -9.45 -27.09
C GLU B 237 -7.56 -9.80 -25.84
N LYS B 238 -8.84 -10.11 -26.02
CA LYS B 238 -9.66 -10.63 -24.96
C LYS B 238 -9.06 -11.85 -24.26
N ASP B 239 -8.63 -12.85 -25.04
CA ASP B 239 -8.10 -14.07 -24.46
CA ASP B 239 -8.09 -14.09 -24.40
C ASP B 239 -6.75 -13.79 -23.77
N LYS B 240 -6.03 -12.77 -24.24
CA LYS B 240 -4.77 -12.39 -23.56
C LYS B 240 -5.02 -11.85 -22.15
N TRP B 241 -6.03 -11.00 -21.98
CA TRP B 241 -6.43 -10.54 -20.64
C TRP B 241 -6.96 -11.70 -19.80
N ARG B 242 -7.80 -12.55 -20.39
CA ARG B 242 -8.38 -13.67 -19.65
C ARG B 242 -7.34 -14.59 -19.09
N ARG B 243 -6.33 -14.93 -19.90
CA ARG B 243 -5.29 -15.87 -19.47
C ARG B 243 -4.43 -15.37 -18.30
N LYS B 244 -4.46 -14.09 -18.04
CA LYS B 244 -3.77 -13.47 -16.89
C LYS B 244 -4.46 -13.65 -15.50
N VAL B 245 -5.73 -14.05 -15.45
CA VAL B 245 -6.46 -14.02 -14.21
C VAL B 245 -6.33 -15.37 -13.55
N PRO B 246 -5.70 -15.39 -12.37
CA PRO B 246 -5.52 -16.63 -11.62
C PRO B 246 -6.79 -17.41 -11.34
N LEU B 247 -7.86 -16.73 -10.96
CA LEU B 247 -9.09 -17.40 -10.51
C LEU B 247 -10.00 -17.54 -11.72
N GLY B 248 -9.86 -18.68 -12.38
CA GLY B 248 -10.75 -19.02 -13.48
C GLY B 248 -10.33 -18.60 -14.87
N ARG B 249 -9.24 -17.85 -15.01
CA ARG B 249 -8.76 -17.40 -16.30
C ARG B 249 -9.83 -16.71 -17.13
N ARG B 250 -10.61 -15.86 -16.47
CA ARG B 250 -11.67 -15.13 -17.13
C ARG B 250 -11.90 -13.82 -16.41
N GLU B 251 -12.53 -12.91 -17.12
CA GLU B 251 -12.88 -11.60 -16.62
C GLU B 251 -14.06 -11.76 -15.67
N ALA B 252 -14.21 -10.84 -14.73
CA ALA B 252 -15.43 -10.77 -13.93
C ALA B 252 -16.66 -10.46 -14.80
N SER B 253 -17.81 -11.01 -14.44
CA SER B 253 -19.08 -10.48 -14.95
C SER B 253 -19.37 -9.13 -14.31
N ALA B 254 -20.23 -8.36 -14.96
CA ALA B 254 -20.70 -7.13 -14.38
C ALA B 254 -21.46 -7.38 -13.11
N GLU B 255 -22.13 -8.52 -13.03
CA GLU B 255 -22.96 -8.84 -11.89
C GLU B 255 -22.07 -9.14 -10.68
N GLN B 256 -20.92 -9.76 -10.92
CA GLN B 256 -19.95 -10.01 -9.83
C GLN B 256 -19.45 -8.70 -9.17
N ILE B 257 -19.18 -7.69 -10.01
CA ILE B 257 -18.80 -6.36 -9.53
C ILE B 257 -19.94 -5.75 -8.69
N ALA B 258 -21.15 -5.84 -9.24
CA ALA B 258 -22.34 -5.32 -8.55
C ALA B 258 -22.60 -5.98 -7.23
N ASP B 259 -22.31 -7.27 -7.11
CA ASP B 259 -22.46 -7.98 -5.85
C ASP B 259 -21.68 -7.31 -4.72
N ALA B 260 -20.48 -6.82 -5.05
CA ALA B 260 -19.63 -6.18 -4.02
C ALA B 260 -20.18 -4.80 -3.65
N VAL B 261 -20.75 -4.11 -4.62
CA VAL B 261 -21.46 -2.84 -4.39
C VAL B 261 -22.63 -3.06 -3.44
N ILE B 262 -23.41 -4.09 -3.74
CA ILE B 262 -24.58 -4.44 -2.95
C ILE B 262 -24.18 -4.74 -1.51
N PHE B 263 -23.07 -5.45 -1.32
CA PHE B 263 -22.58 -5.74 0.02
C PHE B 263 -22.27 -4.45 0.77
N LEU B 264 -21.54 -3.57 0.13
CA LEU B 264 -21.10 -2.34 0.78
C LEU B 264 -22.21 -1.36 1.17
N VAL B 265 -23.29 -1.33 0.42
CA VAL B 265 -24.42 -0.46 0.79
C VAL B 265 -25.36 -1.13 1.79
N SER B 266 -25.19 -2.42 2.03
CA SER B 266 -26.10 -3.20 2.87
C SER B 266 -25.91 -2.97 4.37
N GLY B 267 -26.85 -3.50 5.14
CA GLY B 267 -26.76 -3.43 6.60
C GLY B 267 -25.65 -4.29 7.17
N SER B 268 -25.11 -5.20 6.37
CA SER B 268 -23.98 -6.08 6.76
C SER B 268 -22.62 -5.42 6.64
N ALA B 269 -22.59 -4.17 6.18
CA ALA B 269 -21.35 -3.39 6.04
C ALA B 269 -21.39 -2.09 6.84
N GLN B 270 -22.22 -2.04 7.90
CA GLN B 270 -22.40 -0.79 8.63
C GLN B 270 -21.20 -0.20 9.41
N TYR B 271 -20.15 -0.99 9.63
CA TYR B 271 -18.92 -0.48 10.24
C TYR B 271 -17.80 -0.34 9.24
N ILE B 272 -18.10 -0.54 7.97
CA ILE B 272 -17.11 -0.47 6.90
C ILE B 272 -17.15 0.89 6.25
N THR B 273 -16.08 1.63 6.39
CA THR B 273 -15.93 2.87 5.65
C THR B 273 -14.43 3.09 5.38
N GLY B 274 -14.12 3.64 4.21
CA GLY B 274 -12.76 3.83 3.75
C GLY B 274 -12.14 2.57 3.22
N SER B 275 -12.93 1.55 2.93
CA SER B 275 -12.38 0.28 2.46
C SER B 275 -12.56 0.20 0.95
N ILE B 276 -11.54 -0.33 0.27
CA ILE B 276 -11.62 -0.59 -1.14
C ILE B 276 -11.49 -2.10 -1.36
N ILE B 277 -12.56 -2.71 -1.85
CA ILE B 277 -12.58 -4.15 -2.09
C ILE B 277 -12.22 -4.46 -3.54
N LYS B 278 -11.08 -5.13 -3.73
CA LYS B 278 -10.72 -5.66 -5.07
C LYS B 278 -11.67 -6.79 -5.39
N VAL B 279 -12.19 -6.76 -6.60
CA VAL B 279 -12.96 -7.85 -7.17
C VAL B 279 -12.25 -8.20 -8.48
N ASP B 280 -11.11 -8.88 -8.34
CA ASP B 280 -10.13 -8.97 -9.45
C ASP B 280 -9.60 -10.37 -9.76
N GLY B 281 -10.12 -11.41 -9.10
CA GLY B 281 -9.68 -12.80 -9.34
C GLY B 281 -8.20 -13.05 -9.09
N GLY B 282 -7.60 -12.20 -8.24
CA GLY B 282 -6.17 -12.21 -7.99
C GLY B 282 -5.26 -11.56 -9.03
N LEU B 283 -5.84 -10.92 -10.05
CA LEU B 283 -5.03 -10.30 -11.12
C LEU B 283 -3.93 -9.37 -10.61
N SER B 284 -4.24 -8.53 -9.62
CA SER B 284 -3.28 -7.55 -9.07
C SER B 284 -2.11 -8.21 -8.37
N LEU B 285 -2.22 -9.52 -8.09
CA LEU B 285 -1.20 -10.24 -7.32
C LEU B 285 -0.07 -10.81 -8.22
N VAL B 286 -0.30 -10.75 -9.53
CA VAL B 286 0.54 -11.47 -10.53
C VAL B 286 1.70 -10.57 -10.95
N HIS B 287 2.92 -11.01 -10.69
CA HIS B 287 4.12 -10.25 -11.18
C HIS B 287 4.28 -10.29 -12.70
N ALA B 288 5.14 -9.37 -13.18
CA ALA B 288 5.47 -9.23 -14.58
C ALA B 288 5.94 -10.55 -15.16
N GLU C 22 37.60 8.18 15.68
CA GLU C 22 37.43 6.69 15.70
C GLU C 22 36.35 6.27 14.72
N ALA C 23 36.65 5.22 13.97
CA ALA C 23 35.76 4.77 12.93
C ALA C 23 34.51 4.03 13.47
N PRO C 24 33.34 4.31 12.86
CA PRO C 24 32.17 3.57 13.28
C PRO C 24 32.28 2.14 12.78
N ALA C 25 31.46 1.25 13.33
CA ALA C 25 31.45 -0.18 12.92
C ALA C 25 30.04 -0.67 12.54
N ALA C 26 30.00 -1.60 11.60
CA ALA C 26 28.79 -2.17 11.03
C ALA C 26 28.86 -3.70 11.05
N VAL C 27 27.72 -4.32 11.30
CA VAL C 27 27.48 -5.74 11.09
C VAL C 27 26.66 -5.91 9.81
N VAL C 28 27.16 -6.73 8.88
CA VAL C 28 26.41 -7.13 7.73
C VAL C 28 26.21 -8.63 7.79
N THR C 29 24.95 -9.07 7.78
CA THR C 29 24.68 -10.51 7.75
C THR C 29 24.75 -11.05 6.32
N GLY C 30 25.26 -12.26 6.17
CA GLY C 30 25.33 -12.92 4.88
C GLY C 30 26.25 -12.17 3.94
N ALA C 31 27.36 -11.68 4.48
CA ALA C 31 28.20 -10.68 3.82
C ALA C 31 29.41 -11.27 3.11
N ALA C 32 29.44 -12.59 2.96
CA ALA C 32 30.60 -13.28 2.34
C ALA C 32 30.59 -13.10 0.85
N LYS C 33 29.42 -12.90 0.27
CA LYS C 33 29.26 -12.83 -1.16
C LYS C 33 28.14 -11.88 -1.59
N ARG C 34 28.07 -11.70 -2.90
CA ARG C 34 26.91 -11.16 -3.60
C ARG C 34 26.55 -9.80 -3.05
N ILE C 35 25.28 -9.54 -2.73
CA ILE C 35 24.87 -8.24 -2.26
C ILE C 35 25.42 -7.89 -0.89
N GLY C 36 25.46 -8.84 0.05
CA GLY C 36 26.02 -8.55 1.34
C GLY C 36 27.48 -8.08 1.34
N ARG C 37 28.30 -8.73 0.53
CA ARG C 37 29.69 -8.32 0.34
C ARG C 37 29.76 -6.93 -0.24
N ALA C 38 28.93 -6.64 -1.25
CA ALA C 38 28.92 -5.31 -1.88
C ALA C 38 28.61 -4.24 -0.84
N ILE C 39 27.65 -4.55 0.04
CA ILE C 39 27.37 -3.66 1.16
C ILE C 39 28.54 -3.52 2.16
N ALA C 40 29.17 -4.63 2.55
CA ALA C 40 30.25 -4.55 3.54
C ALA C 40 31.42 -3.74 2.96
N VAL C 41 31.68 -3.99 1.71
CA VAL C 41 32.75 -3.33 1.01
C VAL C 41 32.49 -1.83 0.96
N LYS C 42 31.26 -1.45 0.58
CA LYS C 42 30.95 -0.04 0.49
C LYS C 42 30.99 0.66 1.83
N LEU C 43 30.48 0.02 2.88
CA LEU C 43 30.59 0.62 4.20
C LEU C 43 32.07 0.84 4.62
N HIS C 44 32.89 -0.16 4.36
CA HIS C 44 34.32 -0.16 4.68
C HIS C 44 35.03 0.99 3.96
N GLN C 45 34.81 1.09 2.66
CA GLN C 45 35.29 2.25 1.88
C GLN C 45 34.84 3.59 2.39
N THR C 46 33.66 3.63 2.99
CA THR C 46 33.12 4.86 3.51
C THR C 46 33.73 5.16 4.87
N GLY C 47 34.53 4.21 5.39
CA GLY C 47 35.24 4.37 6.65
C GLY C 47 34.76 3.49 7.79
N TYR C 48 33.84 2.56 7.53
CA TYR C 48 33.37 1.70 8.61
C TYR C 48 34.33 0.54 8.82
N ARG C 49 34.43 0.12 10.08
CA ARG C 49 34.95 -1.20 10.40
C ARG C 49 33.77 -2.18 10.28
N VAL C 50 34.02 -3.39 9.77
CA VAL C 50 32.90 -4.32 9.46
C VAL C 50 33.01 -5.71 10.10
N VAL C 51 31.88 -6.22 10.58
CA VAL C 51 31.75 -7.60 10.94
C VAL C 51 31.08 -8.26 9.75
N ILE C 52 31.83 -9.18 9.17
CA ILE C 52 31.37 -9.98 8.08
C ILE C 52 30.73 -11.27 8.64
N HIS C 53 29.39 -11.29 8.72
CA HIS C 53 28.74 -12.52 9.16
C HIS C 53 28.62 -13.44 7.95
N TYR C 54 28.68 -14.75 8.19
CA TYR C 54 28.49 -15.77 7.15
C TYR C 54 27.93 -17.02 7.83
N HIS C 55 27.43 -17.93 7.04
CA HIS C 55 26.92 -19.23 7.54
C HIS C 55 27.79 -20.37 6.95
N ASN C 56 27.64 -20.68 5.67
CA ASN C 56 28.46 -21.73 5.06
C ASN C 56 29.71 -21.25 4.32
N SER C 57 29.79 -19.99 3.99
CA SER C 57 30.80 -19.52 3.03
C SER C 57 32.01 -19.00 3.78
N ALA C 58 32.70 -19.91 4.46
CA ALA C 58 33.80 -19.52 5.33
C ALA C 58 34.99 -18.98 4.52
N GLU C 59 35.32 -19.67 3.43
CA GLU C 59 36.43 -19.26 2.57
C GLU C 59 36.20 -17.87 2.01
N ALA C 60 34.99 -17.61 1.50
CA ALA C 60 34.68 -16.29 0.91
C ALA C 60 34.77 -15.20 1.94
N ALA C 61 34.27 -15.48 3.15
CA ALA C 61 34.23 -14.48 4.21
C ALA C 61 35.63 -14.08 4.68
N VAL C 62 36.48 -15.07 4.89
CA VAL C 62 37.85 -14.79 5.39
C VAL C 62 38.66 -14.08 4.33
N SER C 63 38.44 -14.47 3.07
CA SER C 63 39.08 -13.82 1.96
C SER C 63 38.71 -12.31 1.85
N LEU C 64 37.43 -11.99 2.08
CA LEU C 64 37.00 -10.59 2.08
C LEU C 64 37.60 -9.87 3.28
N ALA C 65 37.56 -10.52 4.44
CA ALA C 65 38.12 -9.92 5.61
C ALA C 65 39.59 -9.56 5.36
N ASP C 66 40.29 -10.43 4.64
CA ASP C 66 41.73 -10.22 4.30
C ASP C 66 41.95 -9.02 3.41
N GLU C 67 41.26 -9.00 2.28
CA GLU C 67 41.25 -7.83 1.41
C GLU C 67 41.06 -6.53 2.14
N LEU C 68 40.14 -6.50 3.09
CA LEU C 68 39.79 -5.25 3.72
C LEU C 68 40.80 -4.84 4.77
N ASN C 69 41.32 -5.81 5.51
CA ASN C 69 42.40 -5.57 6.48
C ASN C 69 43.74 -5.16 5.81
N LYS C 70 43.99 -5.63 4.58
CA LYS C 70 45.10 -5.16 3.75
C LYS C 70 44.96 -3.68 3.45
N GLU C 71 43.72 -3.22 3.24
CA GLU C 71 43.46 -1.80 3.05
C GLU C 71 43.66 -1.02 4.32
N ARG C 72 43.09 -1.51 5.42
CA ARG C 72 43.28 -0.88 6.69
C ARG C 72 43.30 -1.94 7.74
N SER C 73 44.34 -1.91 8.57
CA SER C 73 44.59 -2.94 9.55
C SER C 73 43.53 -2.95 10.59
N ASN C 74 43.14 -4.15 10.99
CA ASN C 74 42.18 -4.34 12.05
C ASN C 74 40.86 -3.58 11.85
N THR C 75 40.36 -3.65 10.63
CA THR C 75 39.06 -3.07 10.28
C THR C 75 38.00 -4.09 9.80
N ALA C 76 38.35 -5.39 9.73
CA ALA C 76 37.39 -6.43 9.38
C ALA C 76 37.55 -7.69 10.24
N VAL C 77 36.43 -8.31 10.60
CA VAL C 77 36.42 -9.63 11.27
C VAL C 77 35.24 -10.43 10.71
N VAL C 78 35.39 -11.75 10.67
CA VAL C 78 34.28 -12.64 10.34
C VAL C 78 33.59 -13.12 11.60
N CYS C 79 32.35 -13.58 11.43
CA CYS C 79 31.54 -14.11 12.49
C CYS C 79 30.57 -15.10 11.92
N GLN C 80 30.72 -16.37 12.34
CA GLN C 80 29.90 -17.44 11.79
C GLN C 80 28.65 -17.65 12.61
N ALA C 81 27.49 -17.77 11.96
CA ALA C 81 26.26 -18.10 12.66
C ALA C 81 25.21 -18.64 11.71
N ASP C 82 24.54 -19.72 12.13
CA ASP C 82 23.31 -20.17 11.51
C ASP C 82 22.18 -19.28 11.98
N LEU C 83 21.41 -18.75 11.04
CA LEU C 83 20.26 -17.87 11.42
C LEU C 83 18.88 -18.53 11.21
N THR C 84 18.89 -19.84 11.07
CA THR C 84 17.67 -20.63 11.18
C THR C 84 17.01 -20.45 12.54
N ASN C 85 15.69 -20.35 12.54
CA ASN C 85 14.96 -20.29 13.80
C ASN C 85 15.18 -21.54 14.66
N SER C 86 15.39 -21.32 15.95
CA SER C 86 15.49 -22.34 16.95
C SER C 86 15.46 -21.60 18.29
N ASN C 87 15.51 -22.34 19.37
CA ASN C 87 15.45 -21.74 20.70
C ASN C 87 16.79 -21.10 21.10
N VAL C 88 17.86 -21.38 20.38
CA VAL C 88 19.15 -20.67 20.62
C VAL C 88 19.41 -19.51 19.66
N LEU C 89 18.54 -19.34 18.70
CA LEU C 89 18.71 -18.20 17.80
C LEU C 89 18.88 -16.87 18.54
N PRO C 90 18.11 -16.60 19.61
CA PRO C 90 18.37 -15.34 20.28
C PRO C 90 19.82 -15.22 20.80
N ALA C 91 20.36 -16.31 21.31
CA ALA C 91 21.75 -16.32 21.74
C ALA C 91 22.68 -16.09 20.61
N SER C 92 22.44 -16.74 19.48
CA SER C 92 23.25 -16.56 18.32
C SER C 92 23.24 -15.13 17.84
N CYS C 93 22.07 -14.46 17.88
CA CYS C 93 21.99 -13.11 17.39
C CYS C 93 22.67 -12.12 18.38
N GLU C 94 22.51 -12.35 19.67
CA GLU C 94 23.23 -11.55 20.66
C GLU C 94 24.73 -11.68 20.46
N GLU C 95 25.19 -12.90 20.15
CA GLU C 95 26.64 -13.12 19.95
C GLU C 95 27.16 -12.36 18.75
N ILE C 96 26.35 -12.25 17.69
CA ILE C 96 26.78 -11.53 16.50
C ILE C 96 27.05 -10.07 16.89
N ILE C 97 26.11 -9.46 17.57
CA ILE C 97 26.25 -8.10 17.98
C ILE C 97 27.44 -8.01 18.95
N ASN C 98 27.53 -8.93 19.90
CA ASN C 98 28.66 -8.95 20.84
C ASN C 98 30.00 -9.01 20.14
N SER C 99 30.05 -9.72 19.04
CA SER C 99 31.29 -9.82 18.30
C SER C 99 31.77 -8.48 17.73
N CYS C 100 30.82 -7.57 17.47
CA CYS C 100 31.18 -6.26 16.94
C CYS C 100 31.73 -5.41 18.04
N PHE C 101 31.11 -5.46 19.23
CA PHE C 101 31.65 -4.77 20.42
C PHE C 101 33.01 -5.35 20.82
N ARG C 102 33.13 -6.67 20.77
CA ARG C 102 34.39 -7.36 21.07
C ARG C 102 35.50 -6.88 20.16
N ALA C 103 35.23 -6.82 18.85
CA ALA C 103 36.25 -6.46 17.91
C ALA C 103 36.52 -4.94 17.89
N PHE C 104 35.47 -4.13 17.99
CA PHE C 104 35.58 -2.71 17.62
C PHE C 104 35.18 -1.72 18.71
N GLY C 105 34.61 -2.22 19.78
CA GLY C 105 34.19 -1.38 20.89
C GLY C 105 32.90 -0.65 20.67
N ARG C 106 32.22 -0.93 19.58
CA ARG C 106 30.96 -0.26 19.25
C ARG C 106 30.29 -0.91 18.06
N CYS C 107 29.02 -0.55 17.85
CA CYS C 107 28.24 -1.08 16.74
C CYS C 107 27.20 -0.01 16.35
N ASP C 108 27.47 0.63 15.21
CA ASP C 108 26.70 1.79 14.74
C ASP C 108 25.61 1.38 13.76
N VAL C 109 25.87 0.36 12.95
CA VAL C 109 25.03 -0.01 11.85
C VAL C 109 24.83 -1.54 11.85
N LEU C 110 23.57 -1.95 11.64
CA LEU C 110 23.22 -3.35 11.43
C LEU C 110 22.58 -3.42 10.05
N VAL C 111 23.08 -4.30 9.19
CA VAL C 111 22.42 -4.60 7.94
C VAL C 111 21.92 -6.05 7.96
N ASN C 112 20.60 -6.23 7.80
CA ASN C 112 19.99 -7.57 7.78
C ASN C 112 19.79 -8.00 6.34
N ASN C 113 20.79 -8.73 5.83
CA ASN C 113 20.89 -9.17 4.45
C ASN C 113 20.77 -10.69 4.25
N ALA C 114 21.24 -11.49 5.21
CA ALA C 114 21.18 -12.93 5.05
C ALA C 114 19.76 -13.39 4.85
N SER C 115 19.58 -14.37 3.97
CA SER C 115 18.26 -14.80 3.58
C SER C 115 18.30 -16.14 2.90
N ALA C 116 17.54 -17.10 3.44
CA ALA C 116 17.17 -18.32 2.69
C ALA C 116 16.06 -18.04 1.69
N PHE C 117 16.14 -18.74 0.55
CA PHE C 117 15.22 -18.52 -0.54
C PHE C 117 15.07 -19.80 -1.35
N TYR C 118 13.87 -20.36 -1.37
CA TYR C 118 13.53 -21.53 -2.19
C TYR C 118 12.01 -21.75 -2.09
N PRO C 119 11.44 -22.51 -3.05
CA PRO C 119 10.00 -22.71 -3.06
C PRO C 119 9.51 -23.60 -1.93
N THR C 120 8.28 -23.34 -1.47
CA THR C 120 7.63 -24.20 -0.46
C THR C 120 6.18 -24.34 -0.88
N PRO C 121 5.90 -25.21 -1.87
CA PRO C 121 4.54 -25.36 -2.38
C PRO C 121 3.52 -25.72 -1.29
N LEU C 122 2.35 -25.12 -1.37
CA LEU C 122 1.26 -25.48 -0.52
C LEU C 122 0.67 -26.87 -0.81
N VAL C 123 0.67 -27.29 -2.09
CA VAL C 123 0.14 -28.64 -2.48
C VAL C 123 1.24 -29.53 -3.05
N GLY C 133 13.95 -32.98 0.21
CA GLY C 133 13.00 -33.33 1.26
C GLY C 133 13.41 -32.74 2.61
N LYS C 134 13.59 -31.41 2.63
CA LYS C 134 13.55 -30.68 3.90
C LYS C 134 12.14 -30.84 4.40
N THR C 135 11.99 -31.08 5.69
CA THR C 135 10.67 -31.16 6.28
C THR C 135 10.06 -29.78 6.29
N VAL C 136 8.76 -29.69 6.52
CA VAL C 136 8.13 -28.37 6.56
C VAL C 136 8.62 -27.58 7.79
N GLU C 137 8.90 -28.27 8.88
CA GLU C 137 9.41 -27.61 10.09
C GLU C 137 10.69 -26.86 9.76
N THR C 138 11.54 -27.55 9.02
CA THR C 138 12.82 -27.00 8.61
C THR C 138 12.63 -25.83 7.66
N GLN C 139 11.71 -25.96 6.70
CA GLN C 139 11.40 -24.87 5.75
C GLN C 139 10.89 -23.64 6.51
N VAL C 140 10.00 -23.88 7.47
CA VAL C 140 9.52 -22.76 8.28
C VAL C 140 10.70 -22.14 9.07
N ALA C 141 11.48 -22.96 9.74
CA ALA C 141 12.60 -22.44 10.52
C ALA C 141 13.61 -21.59 9.67
N GLU C 142 14.01 -22.09 8.52
CA GLU C 142 15.00 -21.42 7.69
C GLU C 142 14.42 -20.19 7.04
N LEU C 143 13.25 -20.31 6.41
CA LEU C 143 12.72 -19.17 5.66
C LEU C 143 12.23 -18.05 6.58
N ILE C 144 11.55 -18.41 7.67
CA ILE C 144 11.05 -17.39 8.62
C ILE C 144 12.14 -16.92 9.57
N GLY C 145 13.01 -17.83 9.99
CA GLY C 145 14.16 -17.45 10.77
C GLY C 145 15.10 -16.46 10.10
N THR C 146 15.61 -16.80 8.92
CA THR C 146 16.55 -15.89 8.26
C THR C 146 15.96 -14.55 7.83
N ASN C 147 14.77 -14.57 7.27
CA ASN C 147 14.20 -13.35 6.67
C ASN C 147 13.45 -12.47 7.66
N ALA C 148 13.14 -12.96 8.85
CA ALA C 148 12.35 -12.17 9.79
C ALA C 148 12.71 -12.30 11.25
N ILE C 149 12.71 -13.52 11.80
CA ILE C 149 13.00 -13.64 13.22
C ILE C 149 14.45 -13.23 13.59
N ALA C 150 15.43 -13.69 12.85
CA ALA C 150 16.82 -13.24 13.10
C ALA C 150 16.97 -11.71 13.00
N PRO C 151 16.42 -11.09 11.94
CA PRO C 151 16.39 -9.61 11.96
C PRO C 151 15.81 -8.98 13.23
N PHE C 152 14.71 -9.53 13.76
CA PHE C 152 14.11 -9.05 14.97
C PHE C 152 15.07 -9.20 16.16
N LEU C 153 15.67 -10.36 16.26
CA LEU C 153 16.51 -10.68 17.41
C LEU C 153 17.82 -9.90 17.33
N LEU C 154 18.37 -9.78 16.13
CA LEU C 154 19.49 -8.85 15.93
C LEU C 154 19.16 -7.38 16.23
N THR C 155 17.94 -6.97 15.89
CA THR C 155 17.56 -5.60 16.14
C THR C 155 17.47 -5.39 17.68
N MET C 156 16.86 -6.35 18.37
CA MET C 156 16.77 -6.33 19.82
C MET C 156 18.17 -6.16 20.45
N SER C 157 19.10 -7.00 19.98
CA SER C 157 20.43 -7.08 20.60
C SER C 157 21.23 -5.79 20.29
N PHE C 158 21.10 -5.31 19.06
CA PHE C 158 21.70 -4.04 18.61
C PHE C 158 21.26 -2.89 19.47
N ALA C 159 19.95 -2.80 19.76
CA ALA C 159 19.41 -1.71 20.57
C ALA C 159 19.84 -1.85 22.04
N GLN C 160 19.76 -3.05 22.55
CA GLN C 160 20.02 -3.37 23.94
C GLN C 160 21.47 -3.11 24.30
N ARG C 161 22.38 -3.48 23.41
CA ARG C 161 23.79 -3.28 23.67
C ARG C 161 24.25 -1.85 23.62
N GLN C 162 23.45 -0.92 23.14
CA GLN C 162 23.93 0.46 23.16
C GLN C 162 24.11 0.87 24.63
N SER C 171 25.80 13.20 19.44
CA SER C 171 26.66 13.12 18.26
C SER C 171 26.96 11.67 17.81
N SER C 172 25.98 11.02 17.18
CA SER C 172 26.15 9.67 16.63
C SER C 172 25.11 9.40 15.53
N ASN C 173 25.30 8.32 14.78
CA ASN C 173 24.37 8.00 13.68
C ASN C 173 24.12 6.48 13.58
N LEU C 174 23.26 6.02 14.47
CA LEU C 174 22.92 4.59 14.59
C LEU C 174 21.77 4.26 13.66
N SER C 175 21.94 3.27 12.80
CA SER C 175 20.78 2.82 12.02
C SER C 175 20.85 1.34 11.64
N ILE C 176 19.70 0.84 11.19
CA ILE C 176 19.52 -0.56 10.75
C ILE C 176 18.95 -0.50 9.36
N VAL C 177 19.49 -1.33 8.47
CA VAL C 177 18.91 -1.46 7.15
C VAL C 177 18.56 -2.92 6.91
N ASN C 178 17.30 -3.15 6.54
CA ASN C 178 16.75 -4.47 6.20
C ASN C 178 16.62 -4.66 4.70
N LEU C 179 17.13 -5.78 4.19
CA LEU C 179 16.95 -6.15 2.78
C LEU C 179 15.58 -6.80 2.51
N CYS C 180 14.72 -6.03 1.85
CA CYS C 180 13.32 -6.37 1.66
C CYS C 180 13.15 -6.84 0.23
N ASP C 181 11.91 -7.04 -0.19
N ASP C 181 11.93 -6.88 -0.25
CA ASP C 181 11.56 -7.43 -1.57
CA ASP C 181 11.67 -7.40 -1.57
C ASP C 181 10.71 -6.33 -2.16
C ASP C 181 10.68 -6.46 -2.24
N ALA C 182 11.09 -5.78 -3.32
CA ALA C 182 10.20 -4.84 -4.02
C ALA C 182 8.89 -5.49 -4.51
N MET C 183 8.93 -6.81 -4.70
N MET C 183 8.93 -6.80 -4.74
CA MET C 183 7.83 -7.56 -5.27
CA MET C 183 7.79 -7.51 -5.28
C MET C 183 7.01 -8.30 -4.21
C MET C 183 7.00 -8.29 -4.21
N VAL C 184 7.07 -7.80 -2.98
CA VAL C 184 6.46 -8.46 -1.83
C VAL C 184 4.94 -8.59 -1.97
N ASP C 185 4.31 -7.68 -2.69
CA ASP C 185 2.86 -7.78 -2.95
C ASP C 185 2.48 -8.39 -4.29
N GLN C 186 3.46 -8.87 -5.03
CA GLN C 186 3.23 -9.67 -6.21
C GLN C 186 4.15 -10.89 -6.07
N PRO C 187 3.80 -11.81 -5.18
CA PRO C 187 4.66 -12.93 -4.80
C PRO C 187 4.91 -13.93 -5.94
N CSX C 188 6.09 -14.55 -5.93
CA CSX C 188 6.35 -15.63 -6.86
CB CSX C 188 7.80 -16.03 -6.95
SG CSX C 188 8.74 -14.68 -7.40
C CSX C 188 5.57 -16.85 -6.47
O CSX C 188 5.36 -17.16 -5.29
OD CSX C 188 9.51 -14.59 -6.12
N MET C 189 5.15 -17.59 -7.50
CA MET C 189 4.29 -18.74 -7.33
C MET C 189 5.03 -19.77 -6.49
N ALA C 190 4.37 -20.27 -5.45
CA ALA C 190 4.88 -21.33 -4.59
C ALA C 190 6.01 -20.95 -3.60
N PHE C 191 6.16 -19.65 -3.35
CA PHE C 191 7.13 -19.09 -2.41
C PHE C 191 6.44 -18.46 -1.19
N SER C 192 5.37 -19.08 -0.72
CA SER C 192 4.64 -18.47 0.39
C SER C 192 5.47 -18.21 1.67
N LEU C 193 6.26 -19.19 2.15
CA LEU C 193 7.06 -18.95 3.39
C LEU C 193 8.12 -17.84 3.20
N TYR C 194 8.84 -17.88 2.11
CA TYR C 194 9.77 -16.76 1.80
C TYR C 194 9.01 -15.43 1.78
N ASN C 195 7.88 -15.39 1.08
CA ASN C 195 7.09 -14.14 1.02
C ASN C 195 6.57 -13.70 2.41
N MET C 196 6.16 -14.67 3.22
CA MET C 196 5.68 -14.38 4.58
C MET C 196 6.82 -13.74 5.37
N GLY C 197 8.04 -14.28 5.18
CA GLY C 197 9.20 -13.77 5.85
C GLY C 197 9.52 -12.35 5.50
N LYS C 198 9.49 -12.05 4.23
CA LYS C 198 9.73 -10.70 3.73
C LYS C 198 8.64 -9.70 4.12
N HIS C 199 7.41 -10.15 4.18
CA HIS C 199 6.34 -9.31 4.66
C HIS C 199 6.54 -8.99 6.12
N ALA C 200 6.92 -10.01 6.88
CA ALA C 200 7.20 -9.82 8.29
C ALA C 200 8.34 -8.79 8.47
N LEU C 201 9.31 -8.83 7.56
CA LEU C 201 10.43 -7.91 7.63
C LEU C 201 9.98 -6.49 7.40
N VAL C 202 8.97 -6.30 6.53
CA VAL C 202 8.34 -4.94 6.43
C VAL C 202 7.77 -4.52 7.76
N GLY C 203 7.02 -5.41 8.40
CA GLY C 203 6.48 -5.10 9.74
C GLY C 203 7.54 -4.77 10.75
N LEU C 204 8.61 -5.56 10.78
CA LEU C 204 9.70 -5.29 11.70
C LEU C 204 10.31 -3.91 11.41
N THR C 205 10.54 -3.59 10.13
CA THR C 205 11.15 -2.30 9.77
C THR C 205 10.31 -1.12 10.32
N GLN C 206 9.00 -1.21 10.13
CA GLN C 206 8.06 -0.19 10.61
C GLN C 206 7.92 -0.16 12.14
N SER C 207 7.76 -1.32 12.75
CA SER C 207 7.61 -1.45 14.20
C SER C 207 8.88 -0.99 14.91
N ALA C 208 10.03 -1.40 14.38
CA ALA C 208 11.29 -1.01 15.01
C ALA C 208 11.63 0.47 14.76
N ALA C 209 11.31 0.98 13.59
CA ALA C 209 11.49 2.41 13.35
C ALA C 209 10.73 3.18 14.41
N LEU C 210 9.45 2.86 14.59
CA LEU C 210 8.60 3.51 15.61
C LEU C 210 9.16 3.42 17.04
N GLU C 211 9.59 2.23 17.45
CA GLU C 211 9.91 1.99 18.85
C GLU C 211 11.33 2.46 19.27
N LEU C 212 12.24 2.40 18.32
CA LEU C 212 13.60 2.80 18.50
C LEU C 212 13.87 4.24 18.14
N ALA C 213 12.91 4.92 17.54
CA ALA C 213 13.14 6.32 17.22
C ALA C 213 13.56 7.10 18.48
N PRO C 214 12.89 6.88 19.62
CA PRO C 214 13.28 7.69 20.80
C PRO C 214 14.71 7.41 21.26
N TYR C 215 15.33 6.34 20.77
CA TYR C 215 16.70 6.02 21.11
C TYR C 215 17.70 6.48 20.10
N GLY C 216 17.24 7.21 19.09
CA GLY C 216 18.14 7.72 18.10
C GLY C 216 18.50 6.69 17.05
N ILE C 217 17.81 5.54 17.00
CA ILE C 217 18.16 4.52 16.04
C ILE C 217 17.12 4.47 14.89
N ARG C 218 17.57 4.71 13.67
CA ARG C 218 16.72 4.75 12.48
C ARG C 218 16.70 3.33 11.92
N VAL C 219 15.57 2.95 11.35
CA VAL C 219 15.43 1.60 10.80
C VAL C 219 14.72 1.70 9.45
N ASN C 220 15.39 1.28 8.39
CA ASN C 220 14.91 1.43 7.05
C ASN C 220 15.12 0.16 6.25
N GLY C 221 14.59 0.16 5.05
CA GLY C 221 14.77 -0.93 4.10
C GLY C 221 15.27 -0.54 2.73
N VAL C 222 15.88 -1.53 2.07
CA VAL C 222 16.16 -1.46 0.69
C VAL C 222 15.55 -2.69 0.04
N ALA C 223 14.76 -2.48 -1.00
CA ALA C 223 14.04 -3.53 -1.65
C ALA C 223 14.46 -3.71 -3.10
N PRO C 224 15.38 -4.64 -3.37
CA PRO C 224 15.69 -5.01 -4.76
C PRO C 224 14.47 -5.61 -5.47
N GLY C 225 14.44 -5.48 -6.78
CA GLY C 225 13.52 -6.23 -7.65
C GLY C 225 14.24 -7.51 -8.05
N VAL C 226 14.98 -7.44 -9.14
CA VAL C 226 15.92 -8.48 -9.51
C VAL C 226 17.29 -7.78 -9.53
N SER C 227 18.22 -8.45 -8.88
CA SER C 227 19.59 -8.00 -8.76
C SER C 227 20.37 -9.27 -9.05
N LEU C 228 21.47 -9.51 -8.38
CA LEU C 228 22.35 -10.58 -8.82
C LEU C 228 21.55 -11.87 -8.92
N LEU C 229 21.65 -12.48 -10.08
CA LEU C 229 20.79 -13.58 -10.42
C LEU C 229 21.31 -14.82 -9.66
N PRO C 230 20.50 -15.88 -9.52
CA PRO C 230 21.04 -17.00 -8.73
C PRO C 230 22.25 -17.57 -9.42
N VAL C 231 23.19 -18.11 -8.64
CA VAL C 231 24.48 -18.63 -9.18
C VAL C 231 24.24 -19.73 -10.22
N ALA C 232 23.31 -20.62 -9.91
CA ALA C 232 23.03 -21.75 -10.79
C ALA C 232 22.05 -21.45 -11.93
N MET C 233 21.53 -20.22 -12.05
CA MET C 233 20.53 -19.94 -13.10
C MET C 233 21.19 -19.90 -14.45
N GLY C 234 20.49 -20.37 -15.48
CA GLY C 234 21.01 -20.37 -16.84
C GLY C 234 20.65 -19.08 -17.54
N GLU C 235 20.78 -19.03 -18.87
CA GLU C 235 20.68 -17.74 -19.59
C GLU C 235 19.42 -17.57 -20.45
N GLU C 236 18.73 -18.63 -20.80
CA GLU C 236 17.34 -18.46 -21.27
C GLU C 236 16.50 -17.79 -20.13
N GLU C 237 16.78 -18.19 -18.88
CA GLU C 237 15.98 -17.75 -17.74
C GLU C 237 16.44 -16.41 -17.15
N LYS C 238 17.76 -16.21 -17.08
CA LYS C 238 18.37 -14.95 -16.61
C LYS C 238 17.84 -13.82 -17.51
N ASP C 239 17.86 -14.03 -18.81
CA ASP C 239 17.39 -13.01 -19.71
C ASP C 239 15.87 -12.82 -19.68
N LYS C 240 15.10 -13.88 -19.41
CA LYS C 240 13.66 -13.72 -19.19
C LYS C 240 13.36 -12.77 -17.99
N TRP C 241 14.14 -12.83 -16.92
CA TRP C 241 13.99 -11.83 -15.82
C TRP C 241 14.40 -10.43 -16.28
N ARG C 242 15.49 -10.37 -17.03
CA ARG C 242 16.00 -9.11 -17.54
C ARG C 242 15.00 -8.39 -18.42
N ARG C 243 14.27 -9.10 -19.27
CA ARG C 243 13.41 -8.38 -20.18
C ARG C 243 12.17 -7.80 -19.46
N LYS C 244 11.94 -8.19 -18.21
CA LYS C 244 10.76 -7.69 -17.47
C LYS C 244 11.00 -6.26 -16.94
N VAL C 245 12.27 -5.89 -16.81
CA VAL C 245 12.67 -4.65 -16.14
C VAL C 245 12.59 -3.44 -17.08
N PRO C 246 11.64 -2.48 -16.82
CA PRO C 246 11.50 -1.28 -17.62
C PRO C 246 12.80 -0.45 -17.80
N LEU C 247 13.54 -0.23 -16.72
CA LEU C 247 14.71 0.63 -16.76
C LEU C 247 15.94 -0.17 -17.18
N GLY C 248 16.14 -0.27 -18.49
CA GLY C 248 17.40 -0.88 -18.97
C GLY C 248 17.33 -2.34 -19.31
N ARG C 249 16.21 -3.02 -19.03
CA ARG C 249 16.07 -4.46 -19.25
C ARG C 249 17.23 -5.23 -18.65
N ARG C 250 17.57 -4.94 -17.41
CA ARG C 250 18.73 -5.54 -16.80
C ARG C 250 18.51 -5.55 -15.32
N GLU C 251 19.16 -6.49 -14.66
CA GLU C 251 19.13 -6.60 -13.21
C GLU C 251 20.00 -5.55 -12.55
N ALA C 252 19.70 -5.21 -11.31
CA ALA C 252 20.57 -4.32 -10.54
C ALA C 252 21.91 -4.99 -10.17
N SER C 253 22.99 -4.21 -10.24
CA SER C 253 24.28 -4.64 -9.80
C SER C 253 24.22 -4.63 -8.29
N ALA C 254 25.09 -5.40 -7.66
CA ALA C 254 25.15 -5.38 -6.22
C ALA C 254 25.51 -4.02 -5.77
N GLU C 255 26.36 -3.33 -6.53
CA GLU C 255 26.80 -2.01 -6.12
C GLU C 255 25.58 -1.03 -5.99
N GLN C 256 24.68 -1.14 -6.94
CA GLN C 256 23.47 -0.28 -6.97
C GLN C 256 22.58 -0.51 -5.75
N ILE C 257 22.48 -1.77 -5.34
CA ILE C 257 21.78 -2.07 -4.08
C ILE C 257 22.53 -1.45 -2.92
N ALA C 258 23.85 -1.63 -2.91
CA ALA C 258 24.65 -1.08 -1.84
C ALA C 258 24.61 0.42 -1.76
N ASP C 259 24.54 1.08 -2.92
CA ASP C 259 24.44 2.55 -2.98
C ASP C 259 23.25 3.04 -2.13
N ALA C 260 22.12 2.32 -2.18
CA ALA C 260 20.93 2.75 -1.43
C ALA C 260 21.11 2.50 0.05
N VAL C 261 21.83 1.43 0.38
CA VAL C 261 22.17 1.15 1.77
C VAL C 261 23.03 2.28 2.37
N ILE C 262 24.09 2.61 1.67
CA ILE C 262 25.02 3.68 2.07
C ILE C 262 24.28 5.01 2.24
N PHE C 263 23.34 5.32 1.35
CA PHE C 263 22.53 6.55 1.52
C PHE C 263 21.79 6.53 2.85
N LEU C 264 21.08 5.44 3.14
CA LEU C 264 20.27 5.39 4.38
C LEU C 264 21.05 5.44 5.66
N VAL C 265 22.26 4.89 5.64
CA VAL C 265 23.11 4.96 6.83
C VAL C 265 23.77 6.35 6.94
N SER C 266 23.80 7.11 5.85
CA SER C 266 24.53 8.40 5.80
C SER C 266 23.83 9.53 6.56
N GLY C 267 24.60 10.57 6.85
CA GLY C 267 24.03 11.82 7.38
C GLY C 267 23.02 12.45 6.41
N SER C 268 23.02 12.05 5.14
CA SER C 268 22.03 12.58 4.20
C SER C 268 20.63 11.99 4.41
N ALA C 269 20.50 11.04 5.36
CA ALA C 269 19.21 10.38 5.69
C ALA C 269 18.87 10.45 7.15
N GLN C 270 19.31 11.52 7.80
CA GLN C 270 19.18 11.69 9.24
C GLN C 270 17.75 11.80 9.73
N TYR C 271 16.83 12.25 8.88
CA TYR C 271 15.41 12.27 9.24
C TYR C 271 14.59 11.11 8.68
N ILE C 272 15.23 10.20 7.96
CA ILE C 272 14.53 9.10 7.29
C ILE C 272 14.51 7.87 8.22
N THR C 273 13.31 7.42 8.62
CA THR C 273 13.16 6.17 9.37
C THR C 273 11.77 5.58 9.04
N GLY C 274 11.71 4.25 9.01
CA GLY C 274 10.58 3.51 8.53
C GLY C 274 10.36 3.55 7.02
N SER C 275 11.37 3.93 6.22
CA SER C 275 11.23 4.00 4.77
C SER C 275 11.86 2.82 4.11
N ILE C 276 11.19 2.29 3.11
CA ILE C 276 11.70 1.18 2.36
C ILE C 276 11.90 1.71 0.99
N ILE C 277 13.15 1.79 0.53
CA ILE C 277 13.44 2.28 -0.81
C ILE C 277 13.50 1.14 -1.79
N LYS C 278 12.63 1.17 -2.77
CA LYS C 278 12.73 0.20 -3.89
C LYS C 278 13.91 0.54 -4.78
N VAL C 279 14.67 -0.46 -5.16
CA VAL C 279 15.78 -0.34 -6.16
C VAL C 279 15.53 -1.45 -7.20
N ASP C 280 14.53 -1.21 -8.04
CA ASP C 280 13.96 -2.26 -8.89
C ASP C 280 13.78 -1.93 -10.36
N GLY C 281 14.28 -0.77 -10.77
CA GLY C 281 14.22 -0.39 -12.21
C GLY C 281 12.82 -0.31 -12.73
N GLY C 282 11.85 -0.16 -11.82
CA GLY C 282 10.43 -0.09 -12.18
C GLY C 282 9.71 -1.43 -12.26
N LEU C 283 10.43 -2.53 -11.98
CA LEU C 283 9.86 -3.91 -12.12
C LEU C 283 8.52 -4.08 -11.38
N SER C 284 8.46 -3.59 -10.15
CA SER C 284 7.23 -3.71 -9.36
C SER C 284 6.00 -2.95 -9.94
N LEU C 285 6.21 -2.10 -10.93
CA LEU C 285 5.12 -1.32 -11.47
C LEU C 285 4.49 -1.98 -12.67
N VAL C 286 5.07 -3.11 -13.13
CA VAL C 286 4.67 -3.77 -14.38
C VAL C 286 3.58 -4.80 -14.12
N HIS C 287 2.41 -4.61 -14.71
CA HIS C 287 1.31 -5.61 -14.60
C HIS C 287 1.61 -6.91 -15.35
N ALA C 288 0.84 -7.93 -14.99
CA ALA C 288 0.87 -9.25 -15.60
C ALA C 288 0.67 -9.14 -17.09
N GLU D 22 29.85 19.50 -19.92
CA GLU D 22 29.37 20.74 -19.25
C GLU D 22 28.37 20.39 -18.13
N ALA D 23 27.85 21.42 -17.48
CA ALA D 23 27.03 21.27 -16.28
C ALA D 23 25.57 20.92 -16.64
N PRO D 24 24.94 20.03 -15.84
CA PRO D 24 23.55 19.69 -16.09
C PRO D 24 22.65 20.85 -15.66
N ALA D 25 21.37 20.81 -16.06
CA ALA D 25 20.41 21.84 -15.66
C ALA D 25 19.11 21.26 -15.05
N ALA D 26 18.47 22.04 -14.19
CA ALA D 26 17.29 21.58 -13.44
C ALA D 26 16.24 22.65 -13.35
N VAL D 27 14.96 22.24 -13.48
CA VAL D 27 13.83 23.13 -13.18
C VAL D 27 13.33 22.69 -11.81
N VAL D 28 13.15 23.64 -10.90
CA VAL D 28 12.46 23.43 -9.66
C VAL D 28 11.25 24.36 -9.63
N THR D 29 10.05 23.78 -9.55
CA THR D 29 8.86 24.61 -9.44
C THR D 29 8.67 25.07 -8.01
N GLY D 30 8.17 26.29 -7.85
CA GLY D 30 7.90 26.82 -6.53
C GLY D 30 9.17 27.01 -5.71
N ALA D 31 10.24 27.43 -6.36
CA ALA D 31 11.57 27.41 -5.76
C ALA D 31 12.03 28.74 -5.09
N ALA D 32 11.14 29.73 -4.99
CA ALA D 32 11.50 31.03 -4.35
C ALA D 32 11.75 30.91 -2.87
N LYS D 33 11.01 30.06 -2.17
CA LYS D 33 11.26 29.92 -0.75
C LYS D 33 11.01 28.52 -0.21
N ARG D 34 11.31 28.36 1.08
CA ARG D 34 11.03 27.16 1.83
C ARG D 34 11.66 25.93 1.15
N ILE D 35 10.91 24.85 0.99
CA ILE D 35 11.54 23.61 0.58
C ILE D 35 12.05 23.69 -0.86
N GLY D 36 11.27 24.23 -1.78
CA GLY D 36 11.75 24.43 -3.15
C GLY D 36 13.06 25.22 -3.25
N ARG D 37 13.16 26.28 -2.48
CA ARG D 37 14.41 27.03 -2.45
C ARG D 37 15.62 26.17 -1.99
N ALA D 38 15.44 25.36 -0.95
CA ALA D 38 16.49 24.51 -0.41
C ALA D 38 16.91 23.51 -1.44
N ILE D 39 15.95 23.03 -2.24
CA ILE D 39 16.20 22.05 -3.29
C ILE D 39 17.01 22.75 -4.39
N ALA D 40 16.59 23.95 -4.79
CA ALA D 40 17.31 24.68 -5.82
C ALA D 40 18.76 24.98 -5.40
N VAL D 41 18.96 25.37 -4.16
CA VAL D 41 20.29 25.71 -3.65
C VAL D 41 21.19 24.48 -3.62
N LYS D 42 20.64 23.36 -3.15
CA LYS D 42 21.42 22.17 -3.05
C LYS D 42 21.78 21.63 -4.43
N LEU D 43 20.88 21.67 -5.40
CA LEU D 43 21.22 21.29 -6.76
C LEU D 43 22.34 22.18 -7.32
N HIS D 44 22.21 23.47 -7.05
CA HIS D 44 23.15 24.43 -7.55
C HIS D 44 24.53 24.20 -6.95
N GLN D 45 24.57 23.92 -5.66
CA GLN D 45 25.81 23.61 -4.97
C GLN D 45 26.44 22.32 -5.47
N THR D 46 25.62 21.39 -5.96
CA THR D 46 26.12 20.14 -6.51
C THR D 46 26.62 20.34 -7.92
N GLY D 47 26.44 21.53 -8.50
CA GLY D 47 26.94 21.80 -9.86
C GLY D 47 25.88 22.08 -10.91
N TYR D 48 24.59 22.01 -10.55
CA TYR D 48 23.54 22.26 -11.53
C TYR D 48 23.35 23.74 -11.75
N ARG D 49 22.97 24.05 -12.98
CA ARG D 49 22.30 25.32 -13.29
C ARG D 49 20.82 25.13 -13.04
N VAL D 50 20.12 26.18 -12.57
CA VAL D 50 18.75 26.02 -12.16
C VAL D 50 17.80 27.04 -12.78
N VAL D 51 16.58 26.58 -13.09
CA VAL D 51 15.44 27.46 -13.30
C VAL D 51 14.63 27.56 -12.03
N ILE D 52 14.59 28.76 -11.47
CA ILE D 52 13.80 29.06 -10.30
C ILE D 52 12.40 29.46 -10.73
N HIS D 53 11.48 28.50 -10.71
CA HIS D 53 10.10 28.85 -11.01
C HIS D 53 9.42 29.44 -9.77
N TYR D 54 8.50 30.37 -10.01
CA TYR D 54 7.73 31.00 -8.94
C TYR D 54 6.36 31.47 -9.47
N HIS D 55 5.48 31.84 -8.57
CA HIS D 55 4.20 32.33 -8.96
C HIS D 55 4.04 33.75 -8.42
N ASN D 56 3.83 33.93 -7.14
CA ASN D 56 3.73 35.29 -6.59
C ASN D 56 5.04 35.88 -6.04
N SER D 57 5.99 35.02 -5.62
CA SER D 57 7.11 35.44 -4.80
C SER D 57 8.27 35.96 -5.65
N ALA D 58 8.03 37.07 -6.31
CA ALA D 58 8.97 37.54 -7.34
C ALA D 58 10.27 38.11 -6.75
N GLU D 59 10.15 38.89 -5.68
CA GLU D 59 11.31 39.40 -4.92
C GLU D 59 12.24 38.25 -4.46
N ALA D 60 11.68 37.21 -3.84
CA ALA D 60 12.49 36.06 -3.39
C ALA D 60 13.11 35.30 -4.55
N ALA D 61 12.35 35.09 -5.62
CA ALA D 61 12.90 34.35 -6.77
C ALA D 61 14.06 35.12 -7.40
N VAL D 62 13.85 36.41 -7.64
CA VAL D 62 14.89 37.25 -8.22
C VAL D 62 16.12 37.34 -7.32
N SER D 63 15.89 37.49 -6.03
CA SER D 63 16.93 37.56 -5.03
C SER D 63 17.75 36.24 -4.96
N LEU D 64 17.06 35.10 -4.98
CA LEU D 64 17.74 33.81 -5.03
C LEU D 64 18.60 33.68 -6.29
N ALA D 65 18.04 33.98 -7.45
CA ALA D 65 18.80 33.81 -8.67
C ALA D 65 20.06 34.69 -8.62
N ASP D 66 19.92 35.87 -8.02
CA ASP D 66 21.04 36.82 -7.92
C ASP D 66 22.15 36.21 -7.07
N GLU D 67 21.76 35.73 -5.88
CA GLU D 67 22.67 35.08 -4.96
C GLU D 67 23.39 33.92 -5.66
N LEU D 68 22.68 33.12 -6.44
CA LEU D 68 23.28 31.96 -7.07
C LEU D 68 24.19 32.38 -8.25
N ASN D 69 23.77 33.39 -9.00
CA ASN D 69 24.59 33.86 -10.11
C ASN D 69 25.91 34.55 -9.68
N LYS D 70 25.85 35.21 -8.54
CA LYS D 70 26.99 35.73 -7.85
C LYS D 70 27.99 34.64 -7.53
N GLU D 71 27.51 33.44 -7.16
CA GLU D 71 28.40 32.28 -6.98
C GLU D 71 29.02 31.83 -8.26
N ARG D 72 28.18 31.53 -9.24
CA ARG D 72 28.65 31.09 -10.54
C ARG D 72 27.86 31.82 -11.59
N SER D 73 28.56 32.56 -12.46
CA SER D 73 27.91 33.42 -13.45
C SER D 73 26.91 32.74 -14.34
N ASN D 74 25.75 33.36 -14.52
CA ASN D 74 24.64 32.85 -15.35
C ASN D 74 24.37 31.32 -15.22
N THR D 75 24.30 30.87 -13.98
CA THR D 75 23.87 29.52 -13.64
C THR D 75 22.45 29.48 -13.06
N ALA D 76 21.75 30.63 -13.01
CA ALA D 76 20.38 30.66 -12.52
C ALA D 76 19.53 31.61 -13.33
N VAL D 77 18.29 31.19 -13.62
CA VAL D 77 17.29 32.10 -14.19
C VAL D 77 15.96 31.91 -13.45
N VAL D 78 15.10 32.92 -13.56
CA VAL D 78 13.75 32.87 -12.94
C VAL D 78 12.73 32.70 -14.03
N CYS D 79 11.61 32.08 -13.67
CA CYS D 79 10.50 31.86 -14.57
C CYS D 79 9.18 31.87 -13.79
N GLN D 80 8.32 32.84 -14.09
CA GLN D 80 7.04 32.97 -13.38
C GLN D 80 5.95 32.25 -14.16
N ALA D 81 5.09 31.53 -13.42
CA ALA D 81 3.90 30.92 -14.01
C ALA D 81 2.88 30.49 -12.93
N ASP D 82 1.61 30.77 -13.21
CA ASP D 82 0.53 30.20 -12.42
C ASP D 82 0.38 28.74 -12.90
N LEU D 83 0.37 27.80 -11.96
CA LEU D 83 0.20 26.40 -12.27
C LEU D 83 -1.22 25.90 -11.93
N THR D 84 -2.14 26.83 -11.68
CA THR D 84 -3.56 26.50 -11.63
C THR D 84 -4.02 25.85 -12.92
N ASN D 85 -4.94 24.85 -12.85
CA ASN D 85 -5.46 24.24 -14.08
C ASN D 85 -6.28 25.25 -14.87
N SER D 86 -6.08 25.28 -16.17
CA SER D 86 -6.83 26.14 -17.09
C SER D 86 -6.50 25.65 -18.51
N ASN D 87 -7.12 26.28 -19.47
CA ASN D 87 -6.83 26.03 -20.88
C ASN D 87 -5.43 26.47 -21.29
N VAL D 88 -4.80 27.35 -20.54
CA VAL D 88 -3.46 27.81 -20.93
C VAL D 88 -2.36 27.11 -20.14
N LEU D 89 -2.72 26.22 -19.20
CA LEU D 89 -1.71 25.57 -18.37
C LEU D 89 -0.70 24.77 -19.22
N PRO D 90 -1.15 24.02 -20.25
CA PRO D 90 -0.17 23.27 -21.06
C PRO D 90 0.90 24.16 -21.74
N ALA D 91 0.48 25.27 -22.33
CA ALA D 91 1.45 26.20 -22.93
C ALA D 91 2.36 26.76 -21.83
N SER D 92 1.81 27.07 -20.66
CA SER D 92 2.62 27.58 -19.53
C SER D 92 3.71 26.60 -19.15
N CYS D 93 3.34 25.32 -19.04
CA CYS D 93 4.34 24.30 -18.67
C CYS D 93 5.40 24.07 -19.78
N GLU D 94 4.99 24.06 -21.02
CA GLU D 94 5.92 23.95 -22.12
C GLU D 94 6.91 25.12 -22.07
N GLU D 95 6.43 26.30 -21.74
CA GLU D 95 7.28 27.50 -21.65
C GLU D 95 8.23 27.45 -20.45
N ILE D 96 7.85 26.79 -19.37
CA ILE D 96 8.79 26.57 -18.26
C ILE D 96 9.95 25.66 -18.69
N ILE D 97 9.66 24.56 -19.36
CA ILE D 97 10.72 23.70 -19.83
C ILE D 97 11.52 24.45 -20.92
N ASN D 98 10.83 25.10 -21.85
CA ASN D 98 11.51 25.94 -22.88
C ASN D 98 12.53 26.92 -22.26
N SER D 99 12.18 27.50 -21.12
CA SER D 99 13.03 28.47 -20.45
C SER D 99 14.33 27.90 -19.95
N CYS D 100 14.29 26.65 -19.50
CA CYS D 100 15.53 25.91 -19.18
C CYS D 100 16.42 25.74 -20.39
N PHE D 101 15.83 25.32 -21.51
CA PHE D 101 16.54 25.16 -22.78
C PHE D 101 17.09 26.50 -23.30
N ARG D 102 16.30 27.58 -23.20
CA ARG D 102 16.75 28.93 -23.59
C ARG D 102 17.98 29.35 -22.81
N ALA D 103 17.96 29.18 -21.50
CA ALA D 103 19.04 29.60 -20.63
C ALA D 103 20.25 28.72 -20.72
N PHE D 104 20.03 27.42 -20.73
CA PHE D 104 21.12 26.47 -20.52
C PHE D 104 21.29 25.45 -21.62
N GLY D 105 20.41 25.43 -22.63
CA GLY D 105 20.53 24.50 -23.73
C GLY D 105 20.26 23.03 -23.44
N ARG D 106 19.85 22.71 -22.22
CA ARG D 106 19.51 21.35 -21.84
C ARG D 106 18.59 21.41 -20.64
N CYS D 107 17.92 20.28 -20.34
CA CYS D 107 17.14 20.17 -19.09
C CYS D 107 17.19 18.70 -18.64
N ASP D 108 18.01 18.43 -17.62
CA ASP D 108 18.30 17.07 -17.14
C ASP D 108 17.38 16.63 -15.98
N VAL D 109 16.96 17.60 -15.15
CA VAL D 109 16.20 17.36 -13.92
C VAL D 109 14.96 18.27 -13.84
N LEU D 110 13.82 17.69 -13.45
CA LEU D 110 12.60 18.43 -13.16
C LEU D 110 12.18 18.06 -11.75
N VAL D 111 11.99 19.04 -10.91
CA VAL D 111 11.50 18.87 -9.54
C VAL D 111 10.12 19.51 -9.39
N ASN D 112 9.07 18.69 -9.21
CA ASN D 112 7.70 19.21 -9.10
C ASN D 112 7.42 19.40 -7.62
N ASN D 113 7.62 20.65 -7.17
CA ASN D 113 7.52 21.07 -5.78
C ASN D 113 6.37 22.03 -5.48
N ALA D 114 6.05 22.92 -6.42
CA ALA D 114 5.01 23.94 -6.24
C ALA D 114 3.70 23.28 -5.86
N SER D 115 2.96 23.89 -4.97
CA SER D 115 1.76 23.29 -4.45
C SER D 115 0.90 24.25 -3.71
N ALA D 116 -0.41 24.25 -4.05
CA ALA D 116 -1.41 24.94 -3.24
C ALA D 116 -1.84 23.96 -2.18
N PHE D 117 -2.12 24.50 -0.99
CA PHE D 117 -2.49 23.72 0.15
C PHE D 117 -3.44 24.55 1.04
N TYR D 118 -4.70 24.16 1.13
CA TYR D 118 -5.65 24.79 2.06
C TYR D 118 -6.86 23.88 2.13
N PRO D 119 -7.69 24.05 3.17
CA PRO D 119 -8.78 23.10 3.26
C PRO D 119 -9.92 23.39 2.28
N THR D 120 -10.62 22.31 1.91
CA THR D 120 -11.82 22.36 1.05
C THR D 120 -12.88 21.45 1.65
N PRO D 121 -13.58 21.92 2.70
CA PRO D 121 -14.57 21.08 3.39
C PRO D 121 -15.62 20.56 2.42
N LEU D 122 -16.02 19.30 2.55
CA LEU D 122 -17.10 18.74 1.79
C LEU D 122 -18.48 19.31 2.19
N VAL D 123 -18.61 19.75 3.43
CA VAL D 123 -19.84 20.41 3.87
C VAL D 123 -19.58 21.86 4.27
N GLY D 133 -13.37 33.48 -0.08
CA GLY D 133 -14.56 33.36 -0.92
C GLY D 133 -14.27 32.72 -2.27
N LYS D 134 -13.35 31.76 -2.32
CA LYS D 134 -13.02 31.06 -3.60
C LYS D 134 -14.10 30.07 -3.98
N THR D 135 -14.50 30.04 -5.24
CA THR D 135 -15.51 29.06 -5.63
C THR D 135 -14.90 27.68 -5.64
N VAL D 136 -15.74 26.67 -5.54
CA VAL D 136 -15.21 25.32 -5.56
C VAL D 136 -14.48 25.01 -6.87
N GLU D 137 -14.97 25.47 -8.02
CA GLU D 137 -14.24 25.20 -9.28
C GLU D 137 -12.81 25.81 -9.30
N THR D 138 -12.63 26.95 -8.64
CA THR D 138 -11.30 27.53 -8.48
C THR D 138 -10.41 26.69 -7.53
N GLN D 139 -10.98 26.17 -6.45
CA GLN D 139 -10.21 25.28 -5.53
C GLN D 139 -9.79 23.99 -6.26
N VAL D 140 -10.70 23.43 -7.05
CA VAL D 140 -10.35 22.28 -7.88
C VAL D 140 -9.16 22.65 -8.76
N ALA D 141 -9.31 23.75 -9.49
CA ALA D 141 -8.30 24.17 -10.43
C ALA D 141 -6.93 24.42 -9.74
N GLU D 142 -6.92 25.08 -8.59
CA GLU D 142 -5.66 25.38 -7.93
C GLU D 142 -5.04 24.16 -7.28
N LEU D 143 -5.85 23.40 -6.54
CA LEU D 143 -5.31 22.24 -5.82
C LEU D 143 -4.97 21.04 -6.72
N ILE D 144 -5.82 20.73 -7.70
CA ILE D 144 -5.51 19.64 -8.63
C ILE D 144 -4.48 20.10 -9.68
N GLY D 145 -4.57 21.35 -10.10
CA GLY D 145 -3.59 21.92 -11.06
C GLY D 145 -2.16 21.89 -10.56
N THR D 146 -1.92 22.53 -9.42
CA THR D 146 -0.55 22.64 -8.89
C THR D 146 -0.03 21.25 -8.51
N ASN D 147 -0.84 20.47 -7.78
CA ASN D 147 -0.33 19.17 -7.23
C ASN D 147 -0.27 17.98 -8.20
N ALA D 148 -0.96 18.06 -9.32
CA ALA D 148 -1.04 16.92 -10.23
C ALA D 148 -1.02 17.25 -11.73
N ILE D 149 -1.89 18.14 -12.18
CA ILE D 149 -1.97 18.39 -13.60
C ILE D 149 -0.71 19.10 -14.16
N ALA D 150 -0.22 20.12 -13.49
CA ALA D 150 1.00 20.79 -13.90
C ALA D 150 2.17 19.82 -13.88
N PRO D 151 2.34 19.02 -12.82
CA PRO D 151 3.38 17.99 -12.89
C PRO D 151 3.29 17.08 -14.11
N PHE D 152 2.08 16.69 -14.48
CA PHE D 152 1.87 15.85 -15.71
C PHE D 152 2.30 16.60 -16.97
N LEU D 153 1.83 17.84 -17.07
CA LEU D 153 2.17 18.67 -18.22
C LEU D 153 3.65 19.00 -18.35
N LEU D 154 4.26 19.34 -17.24
CA LEU D 154 5.71 19.54 -17.16
C LEU D 154 6.46 18.26 -17.52
N THR D 155 5.92 17.11 -17.05
CA THR D 155 6.53 15.84 -17.37
C THR D 155 6.47 15.57 -18.88
N MET D 156 5.32 15.83 -19.50
CA MET D 156 5.16 15.69 -20.95
C MET D 156 6.17 16.55 -21.70
N SER D 157 6.24 17.81 -21.34
CA SER D 157 7.15 18.76 -22.01
C SER D 157 8.59 18.37 -21.81
N PHE D 158 8.92 17.90 -20.62
CA PHE D 158 10.28 17.49 -20.29
C PHE D 158 10.67 16.33 -21.13
N ALA D 159 9.82 15.31 -21.16
CA ALA D 159 10.08 14.13 -21.97
C ALA D 159 10.17 14.50 -23.45
N GLN D 160 9.26 15.32 -23.94
CA GLN D 160 9.17 15.65 -25.37
C GLN D 160 10.45 16.35 -25.86
N ARG D 161 11.01 17.22 -25.03
CA ARG D 161 12.17 18.00 -25.35
C ARG D 161 13.50 17.30 -25.22
N GLN D 162 13.52 16.00 -24.89
CA GLN D 162 14.82 15.35 -24.79
C GLN D 162 15.19 14.98 -26.20
N SER D 172 24.46 10.17 -19.59
CA SER D 172 23.11 10.73 -19.38
C SER D 172 22.59 10.34 -18.01
N ASN D 173 22.02 11.30 -17.27
CA ASN D 173 21.26 11.00 -16.08
C ASN D 173 20.01 11.91 -15.88
N LEU D 174 18.97 11.60 -16.61
CA LEU D 174 17.75 12.41 -16.63
C LEU D 174 16.82 11.87 -15.58
N SER D 175 16.22 12.74 -14.79
CA SER D 175 15.20 12.27 -13.85
C SER D 175 14.24 13.38 -13.45
N ILE D 176 13.10 12.95 -12.90
CA ILE D 176 12.05 13.81 -12.35
C ILE D 176 11.85 13.41 -10.89
N VAL D 177 11.71 14.40 -10.00
CA VAL D 177 11.39 14.12 -8.62
C VAL D 177 10.10 14.89 -8.25
N ASN D 178 9.10 14.16 -7.78
CA ASN D 178 7.83 14.74 -7.38
C ASN D 178 7.70 14.84 -5.88
N LEU D 179 7.24 15.98 -5.39
CA LEU D 179 7.11 16.19 -3.96
C LEU D 179 5.77 15.65 -3.55
N CYS D 180 5.77 14.48 -2.91
CA CYS D 180 4.56 13.79 -2.48
C CYS D 180 4.32 14.01 -0.97
N ASP D 181 3.31 13.33 -0.41
N ASP D 181 3.47 13.21 -0.36
CA ASP D 181 3.01 13.35 1.04
CA ASP D 181 3.06 13.40 1.00
C ASP D 181 3.26 12.00 1.66
C ASP D 181 3.15 12.06 1.73
N ALA D 182 3.95 11.97 2.79
CA ALA D 182 4.06 10.71 3.53
C ALA D 182 2.76 10.29 4.14
N MET D 183 1.91 11.27 4.43
N MET D 183 1.90 11.24 4.44
CA MET D 183 0.61 11.04 5.10
CA MET D 183 0.64 10.91 5.11
C MET D 183 -0.55 10.85 4.12
C MET D 183 -0.54 10.86 4.12
N VAL D 184 -0.26 10.50 2.87
CA VAL D 184 -1.31 10.52 1.85
C VAL D 184 -2.48 9.55 2.14
N ASP D 185 -2.18 8.44 2.82
CA ASP D 185 -3.24 7.49 3.26
C ASP D 185 -3.81 7.73 4.67
N GLN D 186 -3.38 8.82 5.29
CA GLN D 186 -3.98 9.31 6.54
C GLN D 186 -4.24 10.79 6.40
N PRO D 187 -5.23 11.14 5.56
CA PRO D 187 -5.38 12.52 5.13
C PRO D 187 -5.81 13.46 6.26
N CSX D 188 -5.46 14.72 6.13
CA CSX D 188 -5.89 15.76 7.06
CB CSX D 188 -5.15 17.05 6.75
SG CSX D 188 -3.45 16.94 6.93
C CSX D 188 -7.36 15.97 6.86
O CSX D 188 -7.86 15.94 5.73
OD CSX D 188 -3.34 17.12 8.41
N MET D 189 -8.06 16.21 7.95
CA MET D 189 -9.50 16.40 7.92
C MET D 189 -9.86 17.64 7.07
N ALA D 190 -10.82 17.48 6.18
CA ALA D 190 -11.29 18.53 5.27
C ALA D 190 -10.32 19.00 4.20
N PHE D 191 -9.35 18.15 3.84
CA PHE D 191 -8.38 18.49 2.81
C PHE D 191 -8.49 17.54 1.58
N SER D 192 -9.71 17.19 1.21
N SER D 192 -9.71 17.20 1.18
CA SER D 192 -9.99 16.20 0.14
CA SER D 192 -9.93 16.16 0.15
C SER D 192 -9.25 16.53 -1.15
C SER D 192 -9.32 16.50 -1.20
N LEU D 193 -9.41 17.77 -1.62
CA LEU D 193 -8.89 18.15 -2.93
C LEU D 193 -7.37 18.10 -2.93
N TYR D 194 -6.77 18.62 -1.89
CA TYR D 194 -5.33 18.51 -1.74
C TYR D 194 -4.85 17.05 -1.75
N ASN D 195 -5.52 16.20 -0.98
CA ASN D 195 -5.13 14.80 -0.86
C ASN D 195 -5.35 14.08 -2.19
N MET D 196 -6.43 14.41 -2.87
CA MET D 196 -6.67 13.89 -4.23
C MET D 196 -5.53 14.25 -5.19
N GLY D 197 -5.09 15.49 -5.13
CA GLY D 197 -3.97 15.93 -5.87
C GLY D 197 -2.69 15.17 -5.59
N LYS D 198 -2.37 15.02 -4.31
CA LYS D 198 -1.19 14.25 -3.94
C LYS D 198 -1.29 12.76 -4.31
N HIS D 199 -2.51 12.18 -4.26
CA HIS D 199 -2.69 10.77 -4.69
C HIS D 199 -2.48 10.68 -6.20
N ALA D 200 -3.05 11.64 -6.93
CA ALA D 200 -2.85 11.68 -8.39
C ALA D 200 -1.36 11.76 -8.69
N LEU D 201 -0.62 12.49 -7.89
CA LEU D 201 0.81 12.65 -8.10
C LEU D 201 1.59 11.34 -7.88
N VAL D 202 1.12 10.50 -6.96
CA VAL D 202 1.68 9.15 -6.81
C VAL D 202 1.46 8.39 -8.07
N GLY D 203 0.25 8.48 -8.59
CA GLY D 203 -0.11 7.76 -9.80
C GLY D 203 0.74 8.23 -10.97
N LEU D 204 0.91 9.53 -11.10
CA LEU D 204 1.83 10.08 -12.14
C LEU D 204 3.27 9.57 -11.99
N THR D 205 3.80 9.61 -10.76
CA THR D 205 5.14 9.11 -10.47
C THR D 205 5.35 7.69 -11.03
N GLN D 206 4.38 6.81 -10.75
CA GLN D 206 4.44 5.42 -11.15
C GLN D 206 4.21 5.27 -12.67
N SER D 207 3.19 5.93 -13.19
CA SER D 207 2.84 5.81 -14.64
C SER D 207 3.99 6.35 -15.51
N ALA D 208 4.55 7.48 -15.09
CA ALA D 208 5.62 8.11 -15.83
C ALA D 208 6.94 7.34 -15.67
N ALA D 209 7.18 6.75 -14.49
CA ALA D 209 8.34 5.89 -14.36
C ALA D 209 8.30 4.75 -15.37
N LEU D 210 7.14 4.10 -15.49
CA LEU D 210 6.97 2.98 -16.39
C LEU D 210 7.19 3.43 -17.84
N GLU D 211 6.51 4.51 -18.21
CA GLU D 211 6.47 4.93 -19.58
C GLU D 211 7.76 5.57 -20.04
N LEU D 212 8.47 6.25 -19.15
CA LEU D 212 9.68 6.99 -19.55
C LEU D 212 10.97 6.22 -19.36
N ALA D 213 10.87 5.05 -18.73
CA ALA D 213 12.05 4.21 -18.51
C ALA D 213 12.79 3.91 -19.83
N PRO D 214 12.07 3.64 -20.96
CA PRO D 214 12.80 3.35 -22.21
C PRO D 214 13.61 4.53 -22.72
N TYR D 215 13.24 5.73 -22.32
CA TYR D 215 13.97 6.94 -22.64
C TYR D 215 15.05 7.23 -21.66
N GLY D 216 15.24 6.35 -20.69
CA GLY D 216 16.25 6.59 -19.69
C GLY D 216 15.91 7.66 -18.71
N ILE D 217 14.64 8.04 -18.62
CA ILE D 217 14.25 9.06 -17.61
C ILE D 217 13.65 8.38 -16.38
N ARG D 218 14.28 8.57 -15.24
CA ARG D 218 13.77 8.02 -13.98
C ARG D 218 12.81 9.01 -13.37
N VAL D 219 11.84 8.51 -12.61
CA VAL D 219 10.78 9.35 -12.02
C VAL D 219 10.50 8.79 -10.64
N ASN D 220 10.74 9.62 -9.65
CA ASN D 220 10.66 9.24 -8.27
C ASN D 220 10.00 10.32 -7.45
N GLY D 221 9.77 10.04 -6.18
CA GLY D 221 9.21 11.02 -5.27
C GLY D 221 9.91 11.13 -3.95
N VAL D 222 9.76 12.29 -3.33
CA VAL D 222 10.22 12.52 -1.99
C VAL D 222 8.97 12.93 -1.23
N ALA D 223 8.72 12.29 -0.09
CA ALA D 223 7.49 12.43 0.63
C ALA D 223 7.75 12.95 2.07
N PRO D 224 7.67 14.28 2.26
CA PRO D 224 7.83 14.81 3.61
C PRO D 224 6.64 14.43 4.51
N GLY D 225 6.86 14.37 5.84
CA GLY D 225 5.77 14.22 6.79
C GLY D 225 5.35 15.62 7.20
N VAL D 226 6.03 16.15 8.22
CA VAL D 226 6.01 17.60 8.52
C VAL D 226 7.41 18.17 8.41
N SER D 227 7.49 19.25 7.64
CA SER D 227 8.73 19.95 7.32
C SER D 227 8.56 21.49 7.26
N LEU D 228 9.58 22.18 7.73
CA LEU D 228 9.61 23.61 7.68
C LEU D 228 8.25 24.20 7.90
N LEU D 229 7.74 24.07 9.11
CA LEU D 229 6.43 24.60 9.43
C LEU D 229 6.38 26.11 9.11
N PRO D 230 5.21 26.63 8.75
CA PRO D 230 5.17 28.04 8.41
C PRO D 230 5.78 28.92 9.52
N VAL D 231 6.64 29.89 9.15
CA VAL D 231 7.29 30.79 10.15
C VAL D 231 6.25 31.42 11.05
N ALA D 232 5.09 31.77 10.45
CA ALA D 232 4.00 32.50 11.14
C ALA D 232 3.08 31.63 12.02
N MET D 233 3.11 30.32 11.84
CA MET D 233 2.37 29.42 12.74
C MET D 233 2.94 29.56 14.17
N GLY D 234 2.09 29.75 15.16
CA GLY D 234 2.61 29.85 16.55
C GLY D 234 3.49 28.67 16.90
N GLU D 235 4.54 28.91 17.67
CA GLU D 235 5.45 27.83 18.10
C GLU D 235 4.70 26.76 18.89
N GLU D 236 3.66 27.15 19.63
CA GLU D 236 2.92 26.16 20.41
C GLU D 236 2.11 25.24 19.48
N GLU D 237 1.59 25.77 18.37
CA GLU D 237 0.97 24.91 17.33
C GLU D 237 2.04 24.04 16.60
N LYS D 238 3.18 24.65 16.25
CA LYS D 238 4.35 23.91 15.75
C LYS D 238 4.69 22.73 16.66
N ASP D 239 4.77 22.93 17.99
CA ASP D 239 5.09 21.85 18.92
C ASP D 239 4.05 20.69 18.91
N LYS D 240 2.78 20.99 18.65
CA LYS D 240 1.75 19.92 18.54
C LYS D 240 2.01 18.93 17.35
N TRP D 241 2.54 19.44 16.24
CA TRP D 241 3.02 18.54 15.17
C TRP D 241 4.31 17.86 15.60
N ARG D 242 5.22 18.65 16.15
CA ARG D 242 6.54 18.15 16.53
C ARG D 242 6.43 16.95 17.46
N ARG D 243 5.52 17.04 18.43
CA ARG D 243 5.36 16.00 19.45
C ARG D 243 4.99 14.66 18.86
N LYS D 244 4.46 14.67 17.65
CA LYS D 244 4.01 13.45 17.01
C LYS D 244 5.12 12.70 16.32
N VAL D 245 6.23 13.36 16.04
CA VAL D 245 7.29 12.74 15.22
C VAL D 245 8.17 11.89 16.11
N PRO D 246 8.16 10.55 15.89
CA PRO D 246 9.02 9.66 16.67
C PRO D 246 10.50 10.06 16.65
N LEU D 247 11.04 10.41 15.49
CA LEU D 247 12.46 10.67 15.43
C LEU D 247 12.74 12.13 15.77
N GLY D 248 12.96 12.38 17.05
CA GLY D 248 13.41 13.69 17.50
C GLY D 248 12.37 14.68 17.90
N ARG D 249 11.09 14.31 17.84
CA ARG D 249 9.97 15.23 18.14
C ARG D 249 10.16 16.60 17.50
N ARG D 250 10.55 16.59 16.23
CA ARG D 250 10.66 17.78 15.45
C ARG D 250 10.43 17.53 13.97
N GLU D 251 10.30 18.65 13.25
CA GLU D 251 9.97 18.68 11.85
C GLU D 251 11.27 18.56 11.11
N ALA D 252 11.18 18.13 9.85
CA ALA D 252 12.32 18.07 9.00
C ALA D 252 12.69 19.50 8.61
N SER D 253 13.98 19.74 8.49
CA SER D 253 14.50 20.91 7.80
C SER D 253 14.20 20.79 6.31
N ALA D 254 14.13 21.95 5.63
CA ALA D 254 14.03 21.97 4.22
C ALA D 254 15.24 21.27 3.63
N GLU D 255 16.39 21.41 4.30
CA GLU D 255 17.60 20.79 3.79
C GLU D 255 17.55 19.25 3.80
N GLN D 256 16.99 18.68 4.84
CA GLN D 256 16.80 17.21 4.93
C GLN D 256 15.94 16.67 3.80
N ILE D 257 14.85 17.40 3.50
CA ILE D 257 14.05 17.08 2.28
C ILE D 257 14.91 17.18 1.03
N ALA D 258 15.64 18.31 0.86
CA ALA D 258 16.49 18.43 -0.31
C ALA D 258 17.52 17.30 -0.44
N ASP D 259 18.01 16.78 0.68
CA ASP D 259 19.04 15.74 0.65
C ASP D 259 18.52 14.48 -0.06
N ALA D 260 17.24 14.15 0.11
CA ALA D 260 16.64 12.98 -0.56
C ALA D 260 16.52 13.27 -2.03
N VAL D 261 16.16 14.51 -2.40
CA VAL D 261 16.11 14.90 -3.81
C VAL D 261 17.49 14.75 -4.48
N ILE D 262 18.54 15.28 -3.85
CA ILE D 262 19.92 15.14 -4.37
C ILE D 262 20.32 13.68 -4.55
N PHE D 263 19.94 12.83 -3.61
CA PHE D 263 20.19 11.39 -3.73
C PHE D 263 19.53 10.81 -4.98
N LEU D 264 18.24 11.06 -5.13
CA LEU D 264 17.47 10.50 -6.25
C LEU D 264 17.97 10.98 -7.62
N VAL D 265 18.47 12.20 -7.72
CA VAL D 265 18.97 12.72 -8.99
C VAL D 265 20.41 12.26 -9.25
N SER D 266 21.11 11.76 -8.22
CA SER D 266 22.53 11.37 -8.30
C SER D 266 22.78 10.09 -9.04
N GLY D 267 24.04 9.87 -9.37
CA GLY D 267 24.47 8.59 -9.93
C GLY D 267 24.37 7.43 -8.96
N SER D 268 24.11 7.67 -7.69
CA SER D 268 23.90 6.56 -6.75
C SER D 268 22.47 5.96 -6.73
N ALA D 269 21.60 6.47 -7.61
CA ALA D 269 20.20 6.10 -7.68
C ALA D 269 19.82 5.78 -9.10
N GLN D 270 20.82 5.40 -9.88
CA GLN D 270 20.64 5.13 -11.31
C GLN D 270 19.72 3.97 -11.64
N TYR D 271 19.45 3.05 -10.72
CA TYR D 271 18.47 1.99 -10.96
C TYR D 271 17.11 2.25 -10.25
N ILE D 272 17.01 3.40 -9.61
CA ILE D 272 15.84 3.72 -8.83
C ILE D 272 14.83 4.50 -9.68
N THR D 273 13.68 3.89 -9.96
CA THR D 273 12.60 4.60 -10.66
C THR D 273 11.27 4.07 -10.10
N GLY D 274 10.29 4.97 -10.05
CA GLY D 274 9.00 4.71 -9.44
C GLY D 274 8.99 4.55 -7.92
N SER D 275 10.03 5.02 -7.22
CA SER D 275 10.15 4.92 -5.79
C SER D 275 9.82 6.25 -5.14
N ILE D 276 9.10 6.17 -4.05
CA ILE D 276 8.74 7.31 -3.26
C ILE D 276 9.38 7.16 -1.90
N ILE D 277 10.33 8.05 -1.58
CA ILE D 277 11.06 7.96 -0.35
C ILE D 277 10.44 8.88 0.67
N LYS D 278 9.92 8.30 1.75
CA LYS D 278 9.40 9.10 2.84
C LYS D 278 10.58 9.73 3.57
N VAL D 279 10.44 11.00 3.90
CA VAL D 279 11.41 11.70 4.75
C VAL D 279 10.61 12.31 5.88
N ASP D 280 10.23 11.48 6.82
CA ASP D 280 9.19 11.83 7.76
C ASP D 280 9.42 11.55 9.24
N GLY D 281 10.61 11.07 9.61
CA GLY D 281 10.92 10.89 11.05
C GLY D 281 10.02 9.85 11.70
N GLY D 282 9.35 9.05 10.86
CA GLY D 282 8.44 8.02 11.32
C GLY D 282 7.00 8.46 11.47
N LEU D 283 6.71 9.69 11.10
CA LEU D 283 5.38 10.22 11.37
C LEU D 283 4.22 9.38 10.79
N SER D 284 4.37 8.88 9.58
CA SER D 284 3.30 8.12 8.93
C SER D 284 3.07 6.78 9.59
N LEU D 285 3.96 6.36 10.51
CA LEU D 285 3.83 5.09 11.20
C LEU D 285 3.02 5.14 12.48
N VAL D 286 2.72 6.35 12.93
CA VAL D 286 2.08 6.57 14.22
C VAL D 286 0.60 6.48 14.03
N HIS D 287 -0.02 5.55 14.74
CA HIS D 287 -1.48 5.46 14.72
C HIS D 287 -2.22 6.60 15.43
N ALA D 288 -3.53 6.67 15.18
CA ALA D 288 -4.41 7.62 15.88
C ALA D 288 -4.22 7.57 17.39
PA NAP E . -8.39 -12.94 21.00
O1A NAP E . -9.69 -12.99 21.82
O2A NAP E . -7.17 -12.21 21.42
O5B NAP E . -7.91 -14.41 20.66
C5B NAP E . -8.78 -15.30 19.98
C4B NAP E . -8.44 -16.72 20.40
O4B NAP E . -7.12 -17.02 20.00
C3B NAP E . -8.43 -17.01 21.90
O3B NAP E . -9.73 -17.30 22.34
C2B NAP E . -7.46 -18.17 22.07
O2B NAP E . -8.06 -19.44 22.38
C1B NAP E . -6.74 -18.19 20.68
N9A NAP E . -5.34 -18.36 20.98
C8A NAP E . -4.51 -17.51 21.65
N7A NAP E . -3.29 -18.09 21.78
C5A NAP E . -3.37 -19.32 21.22
C6A NAP E . -2.48 -20.46 21.01
N6A NAP E . -1.22 -20.42 21.47
N1A NAP E . -2.92 -21.53 20.36
C2A NAP E . -4.19 -21.61 19.87
N3A NAP E . -5.08 -20.60 20.02
C4A NAP E . -4.71 -19.48 20.68
O3 NAP E . -8.86 -12.47 19.52
PN NAP E . -10.01 -11.40 19.16
O1N NAP E . -11.30 -12.10 19.21
O2N NAP E . -9.82 -10.06 19.84
O5D NAP E . -9.66 -11.10 17.60
C5D NAP E . -9.95 -12.05 16.59
C4D NAP E . -8.96 -11.95 15.43
O4D NAP E . -9.06 -10.63 14.86
C3D NAP E . -7.50 -12.16 15.86
O3D NAP E . -6.81 -12.84 14.81
C2D NAP E . -6.99 -10.78 16.05
O2D NAP E . -5.58 -10.67 15.86
C1D NAP E . -7.78 -10.01 14.99
N1N NAP E . -7.92 -8.60 15.38
C2N NAP E . -8.76 -8.28 16.36
C3N NAP E . -8.88 -6.95 16.73
C7N NAP E . -9.83 -6.54 17.82
O7N NAP E . -10.11 -5.37 17.86
N7N NAP E . -10.30 -7.42 18.72
C4N NAP E . -8.11 -5.98 16.08
C5N NAP E . -7.25 -6.36 15.06
C6N NAP E . -7.18 -7.68 14.73
P2B NAP E . -8.55 -19.87 23.88
O1X NAP E . -7.29 -20.08 24.63
O2X NAP E . -9.39 -21.12 23.61
O3X NAP E . -9.36 -18.69 24.31
CAL KTZ F . -6.18 -3.91 20.95
CAH KTZ F . -6.83 -2.87 21.63
CAE KTZ F . -8.21 -2.92 21.74
CAI KTZ F . -8.95 -3.95 21.19
CAM KTZ F . -8.27 -4.96 20.48
CAS KTZ F . -6.89 -4.96 20.37
CAV KTZ F . -6.26 -6.09 19.57
C5 KTZ F . -6.27 -7.54 19.75
C6 KTZ F . -6.76 -8.54 20.66
NAY KTZ F . -7.38 -8.36 21.94
CAB KTZ F . -7.32 -7.11 22.60
CAA KTZ F . -7.84 -9.51 22.71
N1 KTZ F . -6.47 -9.84 20.46
C2 KTZ F . -5.76 -10.25 19.36
NAC KTZ F . -5.53 -11.62 19.17
N3 KTZ F . -5.30 -9.34 18.47
C4 KTZ F . -5.57 -8.04 18.65
NAP KTZ F . -5.17 -7.04 17.83
CAT KTZ F . -5.56 -5.83 18.38
CAR KTZ F . -5.25 -4.52 17.71
CAJ KTZ F . -6.05 -3.41 17.69
CAF KTZ F . -5.62 -2.23 17.04
CAD KTZ F . -4.39 -2.21 16.36
CAG KTZ F . -3.59 -3.33 16.33
CAK KTZ F . -4.01 -4.48 17.02
PA NAP G . -17.21 2.30 -19.30
O1A NAP G . -18.17 1.42 -20.07
O2A NAP G . -15.87 2.57 -19.82
O5B NAP G . -17.87 3.66 -18.77
C5B NAP G . -19.15 3.63 -18.16
C4B NAP G . -19.89 4.91 -18.50
O4B NAP G . -19.12 6.06 -18.22
C3B NAP G . -20.18 5.13 -19.98
O3B NAP G . -21.34 4.38 -20.35
C2B NAP G . -20.39 6.64 -20.08
O2B NAP G . -21.75 7.08 -20.25
C1B NAP G . -19.80 7.15 -18.72
N9A NAP G . -18.99 8.30 -19.10
C8A NAP G . -17.88 8.25 -19.83
N7A NAP G . -17.48 9.50 -20.08
C5A NAP G . -18.34 10.35 -19.50
C6A NAP G . -18.49 11.81 -19.37
N6A NAP G . -17.64 12.72 -19.91
N1A NAP G . -19.53 12.25 -18.67
C2A NAP G . -20.43 11.44 -18.10
N3A NAP G . -20.37 10.10 -18.17
C4A NAP G . -19.34 9.55 -18.87
O3 NAP G . -16.99 1.66 -17.86
PN NAP G . -17.06 0.15 -17.38
O1N NAP G . -18.52 -0.29 -17.29
O2N NAP G . -16.12 -0.73 -18.20
O5D NAP G . -16.49 0.24 -15.88
C5D NAP G . -17.28 0.81 -14.85
C4D NAP G . -16.42 1.37 -13.74
O4D NAP G . -15.51 0.36 -13.28
C3D NAP G . -15.55 2.51 -14.25
O3D NAP G . -15.36 3.48 -13.24
C2D NAP G . -14.22 1.88 -14.56
O2D NAP G . -13.13 2.80 -14.54
C1D NAP G . -14.18 0.80 -13.48
N1N NAP G . -13.29 -0.28 -13.91
C2N NAP G . -13.68 -1.14 -14.89
C3N NAP G . -12.84 -2.15 -15.33
C7N NAP G . -13.24 -3.14 -16.39
O7N NAP G . -12.53 -4.14 -16.56
N7N NAP G . -14.37 -2.90 -17.11
C4N NAP G . -11.58 -2.25 -14.76
C5N NAP G . -11.19 -1.36 -13.81
C6N NAP G . -12.07 -0.36 -13.37
P2B NAP G . -22.55 7.07 -21.70
O1X NAP G . -21.86 8.15 -22.48
O2X NAP G . -23.94 7.40 -21.27
O3X NAP G . -22.39 5.68 -22.19
CAL KTZ H . -9.27 -2.30 -20.03
CAH KTZ H . -9.04 -3.48 -20.74
CAE KTZ H . -9.90 -4.54 -20.60
CAI KTZ H . -11.03 -4.45 -19.81
CAM KTZ H . -11.26 -3.25 -19.10
CAS KTZ H . -10.36 -2.18 -19.20
CAV KTZ H . -10.68 -0.94 -18.37
C5 KTZ H . -11.72 0.03 -18.50
C6 KTZ H . -12.81 0.34 -19.37
NAY KTZ H . -13.22 -0.33 -20.58
CAB KTZ H . -14.50 -0.01 -21.16
CAA KTZ H . -12.33 -1.09 -21.41
N1 KTZ H . -13.56 1.45 -19.11
C2 KTZ H . -13.29 2.26 -18.01
NAC KTZ H . -14.02 3.42 -17.75
N3 KTZ H . -12.25 1.99 -17.19
C4 KTZ H . -11.52 0.90 -17.42
NAP KTZ H . -10.45 0.52 -16.65
CAT KTZ H . -9.94 -0.63 -17.20
CAR KTZ H . -8.73 -1.32 -16.64
CAJ KTZ H . -8.54 -2.68 -16.63
CAF KTZ H . -7.34 -3.21 -16.13
CAD KTZ H . -6.34 -2.37 -15.65
CAG KTZ H . -6.52 -1.00 -15.65
CAK KTZ H . -7.71 -0.47 -16.17
PA NAP I . 21.55 -14.71 -1.18
O1A NAP I . 22.76 -14.88 -2.06
O2A NAP I . 20.42 -15.57 -1.55
O5B NAP I . 21.89 -14.92 0.38
C5B NAP I . 22.81 -14.11 1.04
C4B NAP I . 23.40 -14.89 2.19
O4B NAP I . 22.35 -15.33 3.07
C3B NAP I . 24.13 -16.17 1.79
O3B NAP I . 25.44 -15.89 1.43
C2B NAP I . 24.04 -17.01 3.05
O2B NAP I . 25.27 -17.14 3.76
C1B NAP I . 22.98 -16.25 3.90
N9A NAP I . 22.12 -17.30 4.45
C8A NAP I . 21.31 -18.15 3.76
N7A NAP I . 20.76 -19.04 4.61
C5A NAP I . 21.25 -18.76 5.85
C6A NAP I . 21.12 -19.30 7.21
N6A NAP I . 20.34 -20.35 7.45
N1A NAP I . 21.77 -18.70 8.25
C2A NAP I . 22.58 -17.65 8.02
N3A NAP I . 22.78 -17.10 6.80
C4A NAP I . 22.14 -17.61 5.72
O3 NAP I . 21.06 -13.18 -1.15
PN NAP I . 21.26 -12.14 -2.38
O1N NAP I . 22.65 -11.54 -2.28
O2N NAP I . 20.72 -12.64 -3.68
O5D NAP I . 20.23 -11.02 -1.88
C5D NAP I . 20.55 -10.22 -0.73
C4D NAP I . 19.28 -9.80 0.00
O4D NAP I . 18.43 -9.05 -0.88
C3D NAP I . 18.41 -10.95 0.49
O3D NAP I . 17.85 -10.51 1.74
C2D NAP I . 17.35 -11.05 -0.55
O2D NAP I . 16.20 -11.67 -0.03
C1D NAP I . 17.14 -9.61 -0.98
N1N NAP I . 16.66 -9.65 -2.34
C2N NAP I . 17.53 -9.99 -3.30
C3N NAP I . 17.08 -10.10 -4.61
C7N NAP I . 18.00 -10.45 -5.75
O7N NAP I . 17.54 -10.23 -6.87
N7N NAP I . 19.19 -11.00 -5.53
C4N NAP I . 15.75 -9.88 -4.90
C5N NAP I . 14.86 -9.52 -3.90
C6N NAP I . 15.34 -9.44 -2.60
P2B NAP I . 26.47 -18.24 3.43
O1X NAP I . 27.58 -17.78 4.28
O2X NAP I . 26.70 -18.10 1.94
O3X NAP I . 25.89 -19.57 3.85
CAL KTZ J . 14.96 -14.69 -7.69
CAH KTZ J . 15.11 -14.82 -9.07
CAE KTZ J . 16.07 -14.13 -9.74
CAI KTZ J . 16.92 -13.30 -9.04
CAM KTZ J . 16.76 -13.16 -7.66
CAS KTZ J . 15.78 -13.86 -6.95
CAV KTZ J . 15.65 -13.67 -5.45
C5 KTZ J . 16.50 -14.05 -4.33
C6 KTZ J . 17.73 -14.68 -4.07
NAY KTZ J . 18.61 -15.28 -5.04
CAB KTZ J . 19.86 -15.83 -4.64
CAA KTZ J . 18.24 -15.48 -6.40
N1 KTZ J . 18.16 -14.81 -2.79
C2 KTZ J . 17.45 -14.36 -1.71
NAC KTZ J . 17.97 -14.58 -0.42
N3 KTZ J . 16.27 -13.72 -1.91
C4 KTZ J . 15.82 -13.58 -3.19
NAP KTZ J . 14.66 -12.98 -3.55
CAT KTZ J . 14.54 -13.01 -4.89
CAR KTZ J . 13.34 -12.45 -5.61
CAJ KTZ J . 13.36 -12.02 -6.94
CAF KTZ J . 12.19 -11.51 -7.52
CAD KTZ J . 11.01 -11.49 -6.79
CAG KTZ J . 10.97 -11.92 -5.47
CAK KTZ J . 12.14 -12.41 -4.89
PA NAP K . 4.54 25.67 0.02
O1A NAP K . 5.49 26.63 0.69
O2A NAP K . 3.16 25.55 0.58
O5B NAP K . 4.37 26.04 -1.52
C5B NAP K . 5.52 26.03 -2.33
C4B NAP K . 5.38 27.00 -3.48
O4B NAP K . 4.30 26.54 -4.28
C3B NAP K . 5.04 28.43 -3.08
O3B NAP K . 6.21 29.17 -2.72
C2B NAP K . 4.30 28.90 -4.32
O2B NAP K . 4.98 29.86 -5.14
C1B NAP K . 4.02 27.60 -5.11
N9A NAP K . 2.62 27.71 -5.56
C8A NAP K . 1.49 27.72 -4.81
N7A NAP K . 0.43 27.91 -5.60
C5A NAP K . 0.88 28.02 -6.87
C6A NAP K . 0.28 28.24 -8.16
N6A NAP K . -1.09 28.36 -8.19
N1A NAP K . 1.06 28.26 -9.27
C2A NAP K . 2.41 28.11 -9.17
N3A NAP K . 3.04 27.94 -7.99
C4A NAP K . 2.32 27.85 -6.85
O3 NAP K . 5.27 24.23 0.03
PN NAP K . 6.29 23.65 1.12
O1N NAP K . 7.65 24.22 0.88
O2N NAP K . 5.71 23.57 2.47
O5D NAP K . 6.37 22.10 0.55
C5D NAP K . 7.11 21.73 -0.62
C4D NAP K . 6.51 20.50 -1.31
O4D NAP K . 6.56 19.46 -0.32
C3D NAP K . 5.03 20.72 -1.69
O3D NAP K . 4.70 20.04 -2.94
C2D NAP K . 4.28 20.13 -0.53
O2D NAP K . 2.94 19.71 -0.83
C1D NAP K . 5.24 18.99 -0.11
N1N NAP K . 4.98 18.66 1.26
C2N NAP K . 5.38 19.51 2.23
C3N NAP K . 5.07 19.24 3.55
C7N NAP K . 5.57 20.17 4.63
O7N NAP K . 5.60 19.70 5.75
N7N NAP K . 5.97 21.44 4.35
C4N NAP K . 4.35 18.08 3.86
C5N NAP K . 3.92 17.22 2.86
C6N NAP K . 4.27 17.52 1.53
P2B NAP K . 5.04 31.48 -4.75
O1X NAP K . 3.66 31.99 -5.04
O2X NAP K . 6.09 31.95 -5.73
O3X NAP K . 5.50 31.56 -3.36
CAL KTZ L . 0.81 20.95 7.08
CAH KTZ L . 0.98 21.17 8.45
CAE KTZ L . 2.21 21.54 8.94
CAI KTZ L . 3.29 21.71 8.11
CAM KTZ L . 3.11 21.46 6.73
CAS KTZ L . 1.86 21.11 6.19
CAV KTZ L . 1.72 20.84 4.67
C5 KTZ L . 1.93 21.68 3.53
C6 KTZ L . 2.27 23.02 3.22
NAY KTZ L . 2.51 24.09 4.14
CAB KTZ L . 2.00 24.07 5.47
CAA KTZ L . 3.08 25.31 3.62
N1 KTZ L . 2.34 23.43 1.93
C2 KTZ L . 2.07 22.54 0.89
NAC KTZ L . 2.14 22.96 -0.43
N3 KTZ L . 1.77 21.26 1.18
C4 KTZ L . 1.70 20.83 2.44
NAP KTZ L . 1.40 19.56 2.85
CAT KTZ L . 1.42 19.56 4.21
CAR KTZ L . 1.05 18.35 5.05
CAJ KTZ L . 1.54 17.98 6.30
CAF KTZ L . 1.07 16.82 6.95
CAD KTZ L . 0.05 16.08 6.38
CAG KTZ L . -0.44 16.44 5.13
CAK KTZ L . 0.04 17.57 4.49
#